data_3GET
#
_entry.id   3GET
#
_cell.length_a   53.745
_cell.length_b   79.420
_cell.length_c   166.918
_cell.angle_alpha   90.000
_cell.angle_beta   90.000
_cell.angle_gamma   90.000
#
_symmetry.space_group_name_H-M   'P 21 21 21'
#
loop_
_entity.id
_entity.type
_entity.pdbx_description
1 polymer 'Histidinol-phosphate aminotransferase'
2 non-polymer 'ISOPROPYL ALCOHOL'
3 non-polymer GLYCEROL
4 water water
#
_entity_poly.entity_id   1
_entity_poly.type   'polypeptide(L)'
_entity_poly.pdbx_seq_one_letter_code
;G(MSE)KFNEFLNNLSNYEPGKDIEVIAKEYGVKEVIKLASNENPFGTPPKAIECLRQNANKAHLYPDDS(MSE)IELKS
TLAQKYKVQNENIIIGAGSDQVIEFAIHSKLNSKNAFLQAGVTFA(MSE)YEIYAKQCGAKCYKTQSITHNLDEFKKLYE
THKDEIKLIFLCLPNNPLGECLDASEATEFIKGVNEDCLVVIDAAYNEFASFKDSKKHLEPCELIKEFDNVLYLGTFS
(LLP)LYGLGGLRIGYGIANANIISAFYKLRAPFNVSNLALKAAVAA(MSE)DDDEFTEKTLENNFSQ(MSE)ELYKEFA
KKHNIKIIDSYTNFITYFFDEKNSTDLSEKLLKKGIIIRNLKSYGLNAIRITIGTSYENEKFFTEFDKILR
;
_entity_poly.pdbx_strand_id   A,B
#
loop_
_chem_comp.id
_chem_comp.type
_chem_comp.name
_chem_comp.formula
GOL non-polymer GLYCEROL 'C3 H8 O3'
IPA non-polymer 'ISOPROPYL ALCOHOL' 'C3 H8 O'
#
# COMPACT_ATOMS: atom_id res chain seq x y z
N GLY A 1 17.60 -26.55 -1.55
CA GLY A 1 17.37 -25.20 -2.15
C GLY A 1 16.47 -24.31 -1.32
N MSE A 2 16.00 -23.22 -1.93
CA MSE A 2 15.20 -22.21 -1.30
C MSE A 2 13.75 -22.65 -1.11
O MSE A 2 13.05 -22.92 -2.09
CB MSE A 2 15.22 -20.95 -2.18
CG MSE A 2 14.28 -19.83 -1.83
SE MSE A 2 14.73 -18.92 -0.16
CE MSE A 2 16.55 -18.43 -0.62
N LYS A 3 13.30 -22.69 0.13
CA LYS A 3 11.92 -23.01 0.42
C LYS A 3 11.29 -21.80 1.07
N PHE A 4 9.97 -21.78 1.12
CA PHE A 4 9.23 -20.67 1.73
C PHE A 4 8.27 -21.22 2.77
N ASN A 5 7.53 -20.34 3.47
CA ASN A 5 6.53 -20.76 4.44
C ASN A 5 5.48 -21.65 3.76
N GLU A 6 5.05 -22.70 4.47
CA GLU A 6 4.10 -23.68 3.92
C GLU A 6 2.83 -23.10 3.44
N PHE A 7 2.37 -22.04 4.06
CA PHE A 7 1.14 -21.45 3.62
C PHE A 7 1.15 -20.95 2.18
N LEU A 8 2.33 -20.64 1.63
CA LEU A 8 2.41 -20.18 0.23
C LEU A 8 2.04 -21.30 -0.75
N ASN A 9 2.11 -22.55 -0.30
CA ASN A 9 1.69 -23.70 -1.10
C ASN A 9 0.21 -23.65 -1.41
N ASN A 10 -0.56 -23.05 -0.54
CA ASN A 10 -2.00 -22.91 -0.75
C ASN A 10 -2.37 -21.78 -1.69
N LEU A 11 -1.39 -20.99 -2.14
CA LEU A 11 -1.65 -19.81 -2.95
C LEU A 11 -1.37 -20.14 -4.38
N SER A 12 -2.13 -19.55 -5.29
CA SER A 12 -1.91 -19.77 -6.72
C SER A 12 -0.81 -18.82 -7.27
N ASN A 13 0.00 -19.35 -8.18
CA ASN A 13 1.03 -18.59 -8.86
C ASN A 13 0.35 -17.38 -9.49
N TYR A 14 0.86 -16.16 -9.30
CA TYR A 14 0.13 -14.98 -9.84
C TYR A 14 0.89 -14.05 -10.81
N GLU A 15 0.63 -14.25 -12.11
CA GLU A 15 1.21 -13.43 -13.18
C GLU A 15 0.19 -12.50 -13.87
N PRO A 16 -0.02 -11.26 -13.34
CA PRO A 16 -0.92 -10.34 -14.05
C PRO A 16 -0.60 -10.35 -15.53
N GLY A 17 -1.65 -10.46 -16.36
CA GLY A 17 -1.53 -10.53 -17.82
C GLY A 17 -1.33 -9.20 -18.53
N LYS A 18 -1.17 -9.29 -19.84
CA LYS A 18 -0.97 -8.11 -20.67
C LYS A 18 -2.23 -7.23 -20.61
N ASP A 19 -2.02 -5.94 -20.40
CA ASP A 19 -3.12 -5.01 -20.31
C ASP A 19 -4.02 -5.10 -21.55
N ILE A 20 -5.32 -5.27 -21.34
CA ILE A 20 -6.28 -5.36 -22.41
C ILE A 20 -6.32 -4.13 -23.33
N GLU A 21 -6.11 -2.92 -22.79
CA GLU A 21 -6.10 -1.68 -23.59
C GLU A 21 -4.91 -1.70 -24.55
N VAL A 22 -3.76 -2.16 -24.07
CA VAL A 22 -2.57 -2.28 -24.95
C VAL A 22 -2.91 -3.24 -26.09
N ILE A 23 -3.48 -4.39 -25.75
CA ILE A 23 -3.91 -5.36 -26.76
C ILE A 23 -4.80 -4.73 -27.83
N ALA A 24 -5.91 -4.12 -27.41
CA ALA A 24 -6.84 -3.44 -28.29
C ALA A 24 -6.17 -2.41 -29.20
N LYS A 25 -5.22 -1.66 -28.65
CA LYS A 25 -4.46 -0.71 -29.46
C LYS A 25 -3.63 -1.41 -30.50
N GLU A 26 -3.00 -2.52 -30.12
CA GLU A 26 -2.25 -3.31 -31.12
C GLU A 26 -3.18 -3.84 -32.19
N TYR A 27 -4.43 -4.15 -31.84
CA TYR A 27 -5.41 -4.55 -32.87
C TYR A 27 -5.82 -3.40 -33.82
N GLY A 28 -5.46 -2.15 -33.51
CA GLY A 28 -5.78 -1.04 -34.38
C GLY A 28 -7.23 -0.60 -34.29
N VAL A 29 -7.83 -0.62 -33.09
CA VAL A 29 -9.24 -0.24 -32.95
C VAL A 29 -9.43 1.29 -33.24
N LYS A 30 -10.63 1.71 -33.68
CA LYS A 30 -10.88 3.14 -33.94
C LYS A 30 -10.78 3.96 -32.66
N GLU A 31 -11.39 3.46 -31.60
CA GLU A 31 -11.32 4.10 -30.26
C GLU A 31 -11.51 3.07 -29.14
N VAL A 32 -10.88 3.30 -27.99
CA VAL A 32 -10.94 2.42 -26.82
C VAL A 32 -11.88 2.98 -25.75
N ILE A 33 -12.90 2.21 -25.39
CA ILE A 33 -13.96 2.56 -24.46
C ILE A 33 -13.84 1.54 -23.35
N LYS A 34 -13.43 1.99 -22.16
CA LYS A 34 -13.21 1.17 -20.97
C LYS A 34 -14.37 1.24 -19.96
N LEU A 35 -15.10 0.12 -19.83
CA LEU A 35 -16.25 -0.08 -18.97
C LEU A 35 -16.13 -1.37 -18.16
N ALA A 36 -14.93 -1.64 -17.64
CA ALA A 36 -14.60 -2.91 -17.01
C ALA A 36 -14.09 -2.83 -15.57
N SER A 37 -13.87 -1.65 -15.00
CA SER A 37 -13.28 -1.56 -13.64
C SER A 37 -14.06 -0.72 -12.61
N ASN A 38 -15.32 -0.39 -12.92
CA ASN A 38 -16.16 0.35 -12.01
C ASN A 38 -15.59 1.66 -11.54
N GLU A 39 -14.88 2.33 -12.45
CA GLU A 39 -14.33 3.64 -12.22
C GLU A 39 -15.39 4.68 -12.56
N ASN A 40 -15.21 5.88 -12.00
CA ASN A 40 -16.08 7.03 -12.25
C ASN A 40 -15.90 7.50 -13.70
N PRO A 41 -16.98 7.48 -14.51
CA PRO A 41 -16.83 7.82 -15.92
C PRO A 41 -16.53 9.29 -16.19
N PHE A 42 -16.79 10.15 -15.19
CA PHE A 42 -16.49 11.56 -15.28
C PHE A 42 -15.10 11.89 -14.84
N GLY A 43 -14.37 10.87 -14.40
CA GLY A 43 -13.02 11.07 -13.99
C GLY A 43 -12.79 11.40 -12.53
N THR A 44 -11.79 12.24 -12.31
CA THR A 44 -11.38 12.67 -10.98
C THR A 44 -12.15 13.91 -10.60
N PRO A 45 -12.61 13.99 -9.33
CA PRO A 45 -13.35 15.21 -9.01
C PRO A 45 -12.50 16.46 -9.22
N PRO A 46 -13.07 17.50 -9.84
CA PRO A 46 -12.28 18.69 -10.07
C PRO A 46 -11.59 19.27 -8.85
N LYS A 47 -12.18 19.24 -7.65
CA LYS A 47 -11.48 19.77 -6.44
C LYS A 47 -10.24 18.91 -6.10
N ALA A 48 -10.31 17.61 -6.40
CA ALA A 48 -9.20 16.69 -6.17
C ALA A 48 -8.09 16.92 -7.20
N ILE A 49 -8.47 17.21 -8.44
CA ILE A 49 -7.50 17.48 -9.48
C ILE A 49 -6.63 18.66 -9.05
N GLU A 50 -7.28 19.72 -8.61
CA GLU A 50 -6.58 20.91 -8.23
C GLU A 50 -5.72 20.68 -7.02
N CYS A 51 -6.28 19.99 -6.03
CA CYS A 51 -5.56 19.61 -4.81
C CYS A 51 -4.26 18.87 -5.14
N LEU A 52 -4.37 17.93 -6.07
CA LEU A 52 -3.23 17.13 -6.54
C LEU A 52 -2.18 17.98 -7.23
N ARG A 53 -2.63 18.87 -8.13
CA ARG A 53 -1.71 19.74 -8.87
C ARG A 53 -0.96 20.67 -7.92
N GLN A 54 -1.66 21.19 -6.92
CA GLN A 54 -1.05 22.04 -5.89
C GLN A 54 -0.12 21.25 -4.96
N ASN A 55 -0.39 19.97 -4.79
CA ASN A 55 0.43 19.21 -3.88
C ASN A 55 1.49 18.32 -4.56
N ALA A 56 1.57 18.44 -5.88
CA ALA A 56 2.57 17.73 -6.70
C ALA A 56 3.98 17.99 -6.21
N ASN A 57 4.28 19.24 -5.78
CA ASN A 57 5.60 19.60 -5.26
C ASN A 57 5.86 19.21 -3.77
N LYS A 58 4.95 18.45 -3.18
CA LYS A 58 5.06 17.93 -1.81
C LYS A 58 5.19 16.39 -1.83
N ALA A 59 5.38 15.80 -3.01
CA ALA A 59 5.45 14.34 -3.15
C ALA A 59 6.65 13.64 -2.44
N HIS A 60 7.64 14.45 -2.08
CA HIS A 60 8.84 14.03 -1.39
C HIS A 60 8.67 13.84 0.12
N LEU A 61 7.56 14.35 0.68
CA LEU A 61 7.33 14.32 2.12
C LEU A 61 6.49 13.14 2.57
N TYR A 62 6.98 12.40 3.54
CA TYR A 62 6.20 11.34 4.13
C TYR A 62 4.93 11.92 4.69
N PRO A 63 3.85 11.17 4.62
CA PRO A 63 2.61 11.68 5.13
C PRO A 63 2.60 11.69 6.63
N ASP A 64 1.72 12.53 7.18
CA ASP A 64 1.46 12.58 8.61
C ASP A 64 0.81 11.25 8.94
N ASP A 65 1.52 10.41 9.67
CA ASP A 65 0.99 9.07 9.96
C ASP A 65 -0.26 9.06 10.84
N SER A 66 -0.53 10.12 11.59
CA SER A 66 -1.76 10.19 12.41
C SER A 66 -2.98 10.28 11.49
N MSE A 67 -2.79 10.84 10.29
CA MSE A 67 -3.85 10.96 9.26
C MSE A 67 -5.08 11.68 9.83
O MSE A 67 -6.22 11.40 9.47
CB MSE A 67 -4.20 9.59 8.66
CG MSE A 67 -2.98 8.91 8.05
SE MSE A 67 -3.29 7.15 7.23
CE MSE A 67 -1.27 6.93 6.45
N ILE A 68 -4.80 12.66 10.67
CA ILE A 68 -5.80 13.34 11.44
C ILE A 68 -6.77 14.14 10.60
N GLU A 69 -6.29 14.77 9.53
CA GLU A 69 -7.18 15.56 8.68
C GLU A 69 -8.24 14.69 8.02
N LEU A 70 -7.84 13.57 7.43
CA LEU A 70 -8.83 12.70 6.77
C LEU A 70 -9.70 11.99 7.81
N LYS A 71 -9.12 11.50 8.89
CA LYS A 71 -9.92 10.86 9.96
C LYS A 71 -10.99 11.79 10.51
N SER A 72 -10.61 13.02 10.79
CA SER A 72 -11.55 14.04 11.25
C SER A 72 -12.66 14.34 10.24
N THR A 73 -12.32 14.32 8.95
CA THR A 73 -13.30 14.59 7.89
C THR A 73 -14.34 13.45 7.80
N LEU A 74 -13.83 12.24 7.87
CA LEU A 74 -14.66 11.04 7.90
C LEU A 74 -15.53 10.98 9.17
N ALA A 75 -14.93 11.28 10.32
CA ALA A 75 -15.63 11.33 11.60
C ALA A 75 -16.75 12.33 11.58
N GLN A 76 -16.52 13.47 10.93
CA GLN A 76 -17.57 14.49 10.85
C GLN A 76 -18.68 14.04 9.94
N LYS A 77 -18.32 13.53 8.77
CA LYS A 77 -19.30 13.07 7.80
C LYS A 77 -20.24 12.00 8.35
N TYR A 78 -19.67 11.01 9.01
CA TYR A 78 -20.44 9.89 9.55
C TYR A 78 -20.88 10.03 10.99
N LYS A 79 -20.44 11.10 11.65
CA LYS A 79 -20.76 11.36 13.04
C LYS A 79 -20.34 10.22 13.97
N VAL A 80 -19.07 9.84 13.81
CA VAL A 80 -18.42 8.92 14.72
C VAL A 80 -17.13 9.63 15.24
N GLN A 81 -16.38 8.91 16.09
CA GLN A 81 -15.14 9.40 16.66
C GLN A 81 -13.93 8.92 15.83
N ASN A 82 -12.84 9.66 15.91
CA ASN A 82 -11.62 9.31 15.21
C ASN A 82 -11.14 7.90 15.56
N GLU A 83 -11.36 7.48 16.81
CA GLU A 83 -10.94 6.16 17.28
C GLU A 83 -11.73 5.00 16.61
N ASN A 84 -12.77 5.35 15.85
CA ASN A 84 -13.59 4.41 15.11
C ASN A 84 -13.17 4.29 13.64
N ILE A 85 -12.11 4.99 13.22
CA ILE A 85 -11.68 5.00 11.84
C ILE A 85 -10.23 4.52 11.63
N ILE A 86 -10.04 3.77 10.57
CA ILE A 86 -8.72 3.40 10.07
C ILE A 86 -8.70 3.67 8.56
N ILE A 87 -7.57 4.07 8.01
CA ILE A 87 -7.44 4.37 6.58
C ILE A 87 -6.53 3.29 6.00
N GLY A 88 -6.95 2.71 4.89
CA GLY A 88 -6.20 1.68 4.20
C GLY A 88 -5.89 2.08 2.77
N ALA A 89 -4.92 1.38 2.19
CA ALA A 89 -4.54 1.51 0.81
C ALA A 89 -5.62 0.79 0.02
N GLY A 90 -6.73 1.51 -0.20
CA GLY A 90 -7.95 0.96 -0.75
C GLY A 90 -8.71 0.30 0.37
N SER A 91 -10.00 0.08 0.21
CA SER A 91 -10.75 -0.66 1.22
C SER A 91 -10.24 -2.12 1.25
N ASP A 92 -9.68 -2.58 0.13
CA ASP A 92 -9.09 -3.87 0.09
C ASP A 92 -8.12 -4.14 1.23
N GLN A 93 -7.27 -3.17 1.52
CA GLN A 93 -6.30 -3.37 2.58
C GLN A 93 -7.01 -3.55 3.91
N VAL A 94 -8.16 -2.87 4.12
CA VAL A 94 -8.91 -3.04 5.39
C VAL A 94 -9.53 -4.46 5.49
N ILE A 95 -9.98 -5.01 4.36
CA ILE A 95 -10.40 -6.42 4.28
C ILE A 95 -9.23 -7.32 4.72
N GLU A 96 -8.02 -7.03 4.25
CA GLU A 96 -6.82 -7.80 4.65
C GLU A 96 -6.62 -7.77 6.16
N PHE A 97 -6.70 -6.58 6.75
CA PHE A 97 -6.55 -6.43 8.20
C PHE A 97 -7.59 -7.29 8.92
N ALA A 98 -8.83 -7.22 8.45
CA ALA A 98 -9.93 -7.98 9.06
C ALA A 98 -9.68 -9.49 9.03
N ILE A 99 -9.29 -9.99 7.86
CA ILE A 99 -8.97 -11.40 7.65
C ILE A 99 -7.80 -11.87 8.52
N HIS A 100 -6.72 -11.11 8.51
CA HIS A 100 -5.57 -11.48 9.31
C HIS A 100 -5.75 -11.38 10.77
N SER A 101 -6.72 -10.57 11.21
CA SER A 101 -6.97 -10.37 12.64
C SER A 101 -7.86 -11.48 13.22
N LYS A 102 -8.66 -12.10 12.37
CA LYS A 102 -9.61 -13.07 12.79
C LYS A 102 -9.55 -14.48 12.21
N LEU A 103 -9.03 -14.64 10.99
CA LEU A 103 -9.12 -15.95 10.39
C LEU A 103 -7.83 -16.70 10.54
N ASN A 104 -7.92 -18.03 10.53
CA ASN A 104 -6.77 -18.90 10.65
C ASN A 104 -7.13 -20.30 10.12
N SER A 105 -6.16 -21.20 10.11
CA SER A 105 -6.37 -22.54 9.54
C SER A 105 -7.44 -23.41 10.21
N LYS A 106 -7.89 -23.03 11.41
CA LYS A 106 -8.88 -23.80 12.13
C LYS A 106 -10.27 -23.18 12.18
N ASN A 107 -10.49 -22.10 11.45
CA ASN A 107 -11.81 -21.51 11.49
C ASN A 107 -12.33 -21.21 10.09
N ALA A 108 -13.42 -20.46 9.97
CA ALA A 108 -14.04 -20.24 8.68
C ALA A 108 -14.66 -18.87 8.56
N PHE A 109 -15.10 -18.56 7.33
CA PHE A 109 -15.80 -17.31 6.98
C PHE A 109 -16.98 -17.67 6.08
N LEU A 110 -17.96 -16.76 6.05
CA LEU A 110 -19.22 -16.97 5.32
C LEU A 110 -19.42 -15.85 4.31
N GLN A 111 -19.94 -16.21 3.13
CA GLN A 111 -20.24 -15.23 2.09
C GLN A 111 -21.35 -15.72 1.14
N ALA A 112 -21.84 -14.82 0.29
CA ALA A 112 -22.85 -15.14 -0.72
C ALA A 112 -22.22 -16.06 -1.75
N GLY A 113 -23.05 -16.78 -2.48
CA GLY A 113 -22.59 -17.70 -3.50
C GLY A 113 -21.68 -17.01 -4.51
N VAL A 114 -22.02 -15.79 -4.92
CA VAL A 114 -21.13 -15.06 -5.88
C VAL A 114 -20.96 -13.62 -5.47
N THR A 115 -19.84 -13.33 -4.85
CA THR A 115 -19.51 -11.97 -4.43
C THR A 115 -18.00 -11.71 -4.71
N PHE A 116 -17.51 -10.56 -4.29
CA PHE A 116 -16.18 -10.09 -4.62
C PHE A 116 -15.11 -11.15 -4.43
N ALA A 117 -14.37 -11.38 -5.53
CA ALA A 117 -13.33 -12.39 -5.64
C ALA A 117 -12.26 -12.30 -4.60
N MSE A 118 -11.93 -11.09 -4.22
CA MSE A 118 -10.80 -10.89 -3.31
C MSE A 118 -11.01 -11.42 -1.89
O MSE A 118 -10.03 -11.74 -1.23
CB MSE A 118 -10.39 -9.41 -3.28
CG MSE A 118 -9.89 -8.87 -4.64
SE MSE A 118 -8.48 -9.95 -5.35
CE MSE A 118 -7.33 -9.88 -3.81
N TYR A 119 -12.26 -11.57 -1.43
CA TYR A 119 -12.49 -12.07 -0.06
C TYR A 119 -11.83 -13.44 0.11
N GLU A 120 -12.13 -14.35 -0.79
CA GLU A 120 -11.63 -15.71 -0.72
C GLU A 120 -10.12 -15.78 -1.05
N ILE A 121 -9.67 -14.98 -2.02
CA ILE A 121 -8.27 -14.88 -2.37
C ILE A 121 -7.44 -14.41 -1.16
N TYR A 122 -7.84 -13.33 -0.50
CA TYR A 122 -7.12 -12.88 0.73
C TYR A 122 -7.17 -13.93 1.84
N ALA A 123 -8.33 -14.60 2.01
CA ALA A 123 -8.49 -15.59 3.04
C ALA A 123 -7.60 -16.83 2.86
N LYS A 124 -7.22 -17.11 1.61
CA LYS A 124 -6.33 -18.25 1.32
C LYS A 124 -5.02 -18.19 2.09
N GLN A 125 -4.51 -17.00 2.37
CA GLN A 125 -3.29 -16.91 3.12
C GLN A 125 -3.46 -17.53 4.48
N CYS A 126 -4.58 -17.26 5.15
CA CYS A 126 -4.87 -17.81 6.47
C CYS A 126 -5.26 -19.28 6.49
N GLY A 127 -5.61 -19.84 5.33
CA GLY A 127 -6.06 -21.22 5.24
C GLY A 127 -7.41 -21.48 5.88
N ALA A 128 -8.23 -20.45 6.01
CA ALA A 128 -9.55 -20.59 6.62
C ALA A 128 -10.56 -21.17 5.63
N LYS A 129 -11.58 -21.89 6.11
CA LYS A 129 -12.58 -22.50 5.26
C LYS A 129 -13.58 -21.46 4.80
N CYS A 130 -13.99 -21.53 3.53
CA CYS A 130 -14.95 -20.61 2.96
C CYS A 130 -16.30 -21.28 2.79
N TYR A 131 -17.33 -20.75 3.46
CA TYR A 131 -18.68 -21.25 3.34
C TYR A 131 -19.43 -20.25 2.47
N LYS A 132 -20.15 -20.77 1.46
CA LYS A 132 -20.95 -19.94 0.58
C LYS A 132 -22.36 -20.45 0.55
N THR A 133 -23.32 -19.51 0.56
CA THR A 133 -24.72 -19.84 0.44
C THR A 133 -24.94 -20.40 -0.96
N GLN A 134 -25.97 -21.25 -1.09
CA GLN A 134 -26.36 -21.75 -2.42
C GLN A 134 -26.78 -20.57 -3.30
N SER A 135 -27.57 -19.66 -2.74
CA SER A 135 -27.99 -18.52 -3.54
C SER A 135 -26.78 -17.72 -3.94
N ILE A 136 -26.70 -17.35 -5.20
CA ILE A 136 -25.52 -16.56 -5.63
C ILE A 136 -25.69 -15.10 -5.12
N THR A 137 -26.94 -14.64 -5.12
CA THR A 137 -27.25 -13.32 -4.58
C THR A 137 -27.40 -13.47 -3.05
N HIS A 138 -27.18 -12.38 -2.32
CA HIS A 138 -27.31 -12.33 -0.88
C HIS A 138 -28.77 -12.58 -0.53
N ASN A 139 -29.00 -13.51 0.41
CA ASN A 139 -30.34 -13.93 0.83
C ASN A 139 -30.29 -14.07 2.34
N LEU A 140 -31.14 -13.30 3.05
CA LEU A 140 -31.19 -13.25 4.52
C LEU A 140 -31.36 -14.62 5.13
N ASP A 141 -32.35 -15.33 4.60
CA ASP A 141 -32.66 -16.68 5.09
C ASP A 141 -31.56 -17.69 4.96
N GLU A 142 -30.93 -17.68 3.79
CA GLU A 142 -29.85 -18.60 3.57
C GLU A 142 -28.66 -18.25 4.49
N PHE A 143 -28.33 -16.96 4.61
CA PHE A 143 -27.27 -16.55 5.55
C PHE A 143 -27.61 -17.01 6.98
N LYS A 144 -28.82 -16.79 7.45
CA LYS A 144 -29.17 -17.23 8.82
C LYS A 144 -28.95 -18.74 9.04
N LYS A 145 -29.37 -19.53 8.07
CA LYS A 145 -29.34 -20.98 8.23
C LYS A 145 -27.93 -21.53 8.09
N LEU A 146 -27.16 -21.00 7.14
CA LEU A 146 -25.78 -21.50 6.96
C LEU A 146 -24.92 -21.04 8.15
N TYR A 147 -25.07 -19.79 8.62
CA TYR A 147 -24.36 -19.35 9.81
C TYR A 147 -24.69 -20.21 11.06
N GLU A 148 -25.97 -20.40 11.36
CA GLU A 148 -26.39 -21.15 12.56
C GLU A 148 -25.75 -22.53 12.52
N THR A 149 -25.75 -23.14 11.34
CA THR A 149 -25.17 -24.49 11.17
C THR A 149 -23.67 -24.58 11.54
N HIS A 150 -22.91 -23.53 11.23
CA HIS A 150 -21.48 -23.50 11.46
C HIS A 150 -21.07 -22.36 12.39
N LYS A 151 -21.97 -21.99 13.28
CA LYS A 151 -21.81 -20.93 14.27
C LYS A 151 -20.50 -21.02 15.11
N ASP A 152 -20.05 -22.21 15.46
CA ASP A 152 -18.81 -22.33 16.27
C ASP A 152 -17.55 -22.10 15.46
N GLU A 153 -17.68 -22.19 14.14
CA GLU A 153 -16.53 -22.13 13.23
C GLU A 153 -16.38 -20.77 12.55
N ILE A 154 -17.50 -20.14 12.19
CA ILE A 154 -17.50 -18.88 11.45
C ILE A 154 -17.14 -17.69 12.35
N LYS A 155 -15.97 -17.08 12.07
CA LYS A 155 -15.48 -15.94 12.81
C LYS A 155 -15.45 -14.65 11.98
N LEU A 156 -15.85 -14.70 10.71
CA LEU A 156 -15.90 -13.51 9.89
C LEU A 156 -16.99 -13.74 8.83
N ILE A 157 -17.86 -12.75 8.64
CA ILE A 157 -18.94 -12.80 7.66
C ILE A 157 -18.83 -11.55 6.78
N PHE A 158 -18.90 -11.76 5.45
CA PHE A 158 -18.93 -10.69 4.44
C PHE A 158 -20.35 -10.47 3.88
N LEU A 159 -20.78 -9.21 3.93
CA LEU A 159 -22.03 -8.76 3.35
C LEU A 159 -21.63 -7.64 2.36
N CYS A 160 -21.85 -7.87 1.07
CA CYS A 160 -21.47 -6.88 0.08
C CYS A 160 -22.75 -6.17 -0.29
N LEU A 161 -22.93 -4.96 0.25
CA LEU A 161 -24.18 -4.24 0.12
C LEU A 161 -24.04 -2.86 -0.55
N PRO A 162 -24.27 -2.76 -1.86
CA PRO A 162 -24.68 -3.76 -2.83
C PRO A 162 -23.52 -4.61 -3.27
N ASN A 163 -23.89 -5.67 -3.97
CA ASN A 163 -22.99 -6.72 -4.37
C ASN A 163 -22.20 -6.55 -5.67
N ASN A 164 -20.89 -6.76 -5.61
CA ASN A 164 -20.06 -6.83 -6.82
C ASN A 164 -19.69 -8.28 -6.90
N PRO A 165 -19.91 -8.95 -8.04
CA PRO A 165 -20.31 -8.55 -9.40
C PRO A 165 -21.77 -8.64 -9.87
N LEU A 166 -22.73 -8.93 -8.99
CA LEU A 166 -24.13 -9.16 -9.42
C LEU A 166 -25.00 -7.93 -9.48
N GLY A 167 -24.81 -7.02 -8.52
CA GLY A 167 -25.52 -5.74 -8.50
C GLY A 167 -26.67 -5.62 -7.48
N GLU A 168 -27.08 -6.72 -6.87
CA GLU A 168 -28.18 -6.69 -5.93
C GLU A 168 -27.78 -6.12 -4.56
N CYS A 169 -28.81 -5.81 -3.77
CA CYS A 169 -28.60 -5.24 -2.48
C CYS A 169 -29.71 -5.56 -1.50
N LEU A 170 -29.36 -6.17 -0.36
CA LEU A 170 -30.35 -6.37 0.69
C LEU A 170 -30.76 -4.99 1.26
N ASP A 171 -31.95 -4.91 1.83
CA ASP A 171 -32.35 -3.72 2.52
C ASP A 171 -31.51 -3.67 3.78
N ALA A 172 -31.19 -2.46 4.23
CA ALA A 172 -30.43 -2.25 5.46
C ALA A 172 -31.06 -2.95 6.65
N SER A 173 -32.38 -2.90 6.74
CA SER A 173 -33.12 -3.56 7.86
C SER A 173 -32.97 -5.08 7.85
N GLU A 174 -32.84 -5.68 6.67
CA GLU A 174 -32.58 -7.12 6.57
C GLU A 174 -31.18 -7.41 7.04
N ALA A 175 -30.21 -6.53 6.73
CA ALA A 175 -28.86 -6.73 7.19
C ALA A 175 -28.79 -6.68 8.71
N THR A 176 -29.37 -5.64 9.28
CA THR A 176 -29.39 -5.52 10.75
C THR A 176 -30.16 -6.70 11.40
N GLU A 177 -31.21 -7.20 10.76
CA GLU A 177 -31.94 -8.37 11.30
C GLU A 177 -31.01 -9.58 11.33
N PHE A 178 -30.20 -9.76 10.30
CA PHE A 178 -29.26 -10.85 10.32
C PHE A 178 -28.19 -10.65 11.39
N ILE A 179 -27.60 -9.47 11.44
CA ILE A 179 -26.49 -9.20 12.36
C ILE A 179 -26.86 -9.39 13.84
N LYS A 180 -28.11 -9.14 14.20
CA LYS A 180 -28.56 -9.33 15.58
C LYS A 180 -28.33 -10.78 16.09
N GLY A 181 -28.43 -11.78 15.21
CA GLY A 181 -28.21 -13.19 15.57
C GLY A 181 -26.76 -13.69 15.41
N VAL A 182 -25.82 -12.79 15.11
CA VAL A 182 -24.43 -13.19 14.98
C VAL A 182 -23.69 -13.06 16.33
N ASN A 183 -22.91 -14.07 16.66
CA ASN A 183 -22.15 -14.09 17.89
C ASN A 183 -21.22 -12.91 18.01
N GLU A 184 -20.99 -12.45 19.24
CA GLU A 184 -20.09 -11.29 19.47
C GLU A 184 -18.63 -11.48 19.04
N ASP A 185 -18.18 -12.73 18.98
CA ASP A 185 -16.83 -13.05 18.60
C ASP A 185 -16.69 -13.29 17.08
N CYS A 186 -17.75 -13.04 16.34
CA CYS A 186 -17.70 -13.14 14.89
C CYS A 186 -17.79 -11.70 14.31
N LEU A 187 -16.81 -11.35 13.48
CA LEU A 187 -16.73 -10.05 12.85
C LEU A 187 -17.55 -9.99 11.56
N VAL A 188 -18.53 -9.07 11.52
CA VAL A 188 -19.33 -8.86 10.33
C VAL A 188 -18.75 -7.69 9.53
N VAL A 189 -18.19 -8.00 8.36
CA VAL A 189 -17.62 -7.04 7.46
C VAL A 189 -18.67 -6.62 6.42
N ILE A 190 -19.16 -5.39 6.53
CA ILE A 190 -20.12 -4.88 5.55
C ILE A 190 -19.34 -4.10 4.54
N ASP A 191 -19.21 -4.65 3.35
CA ASP A 191 -18.52 -3.99 2.26
C ASP A 191 -19.50 -3.03 1.60
N ALA A 192 -19.36 -1.75 1.92
CA ALA A 192 -20.25 -0.73 1.40
C ALA A 192 -19.54 0.10 0.31
N ALA A 193 -18.64 -0.56 -0.44
CA ALA A 193 -17.88 0.11 -1.51
C ALA A 193 -18.78 0.88 -2.49
N TYR A 194 -19.99 0.36 -2.76
CA TYR A 194 -20.95 0.97 -3.69
C TYR A 194 -22.24 1.46 -3.02
N ASN A 195 -22.24 1.59 -1.70
CA ASN A 195 -23.49 1.92 -1.00
C ASN A 195 -24.02 3.33 -1.30
N GLU A 196 -23.15 4.24 -1.70
CA GLU A 196 -23.63 5.58 -2.08
C GLU A 196 -24.58 5.49 -3.28
N PHE A 197 -24.22 4.62 -4.23
CA PHE A 197 -25.07 4.37 -5.42
C PHE A 197 -26.38 3.73 -5.02
N ALA A 198 -26.35 2.68 -4.22
CA ALA A 198 -27.55 1.98 -3.80
C ALA A 198 -28.48 2.95 -3.07
N SER A 199 -27.91 3.77 -2.18
CA SER A 199 -28.68 4.71 -1.37
C SER A 199 -29.43 5.71 -2.20
N PHE A 200 -28.83 6.08 -3.32
CA PHE A 200 -29.38 7.04 -4.22
C PHE A 200 -30.56 6.40 -4.95
N LYS A 201 -30.45 5.15 -5.39
CA LYS A 201 -31.57 4.48 -6.05
C LYS A 201 -32.72 4.20 -5.06
N ASP A 202 -32.42 3.88 -3.81
CA ASP A 202 -33.46 3.49 -2.86
C ASP A 202 -32.96 3.66 -1.42
N SER A 203 -33.54 4.60 -0.67
CA SER A 203 -33.08 4.86 0.70
C SER A 203 -33.12 3.63 1.61
N LYS A 204 -34.00 2.69 1.32
CA LYS A 204 -34.02 1.50 2.08
C LYS A 204 -32.73 0.67 2.05
N LYS A 205 -31.81 0.98 1.13
CA LYS A 205 -30.54 0.26 0.98
C LYS A 205 -29.42 0.96 1.73
N HIS A 206 -29.67 2.19 2.21
CA HIS A 206 -28.68 3.01 2.87
C HIS A 206 -28.28 2.47 4.24
N LEU A 207 -26.98 2.37 4.44
CA LEU A 207 -26.37 1.94 5.70
C LEU A 207 -25.81 3.17 6.42
N GLU A 208 -26.02 3.23 7.73
CA GLU A 208 -25.54 4.35 8.52
C GLU A 208 -24.51 3.84 9.54
N PRO A 209 -23.21 4.01 9.24
CA PRO A 209 -22.16 3.56 10.14
C PRO A 209 -22.33 3.90 11.64
N CYS A 210 -22.70 5.12 11.97
CA CYS A 210 -22.80 5.47 13.41
C CYS A 210 -23.85 4.66 14.15
N GLU A 211 -24.93 4.32 13.45
CA GLU A 211 -26.00 3.49 14.00
C GLU A 211 -25.51 2.04 14.09
N LEU A 212 -24.80 1.57 13.06
CA LEU A 212 -24.31 0.19 13.04
C LEU A 212 -23.33 -0.10 14.22
N ILE A 213 -22.34 0.76 14.38
CA ILE A 213 -21.35 0.54 15.43
C ILE A 213 -21.89 0.82 16.82
N LYS A 214 -22.91 1.68 16.95
CA LYS A 214 -23.54 1.94 18.24
C LYS A 214 -24.33 0.71 18.68
N GLU A 215 -25.00 0.06 17.73
CA GLU A 215 -25.82 -1.14 18.00
C GLU A 215 -25.03 -2.42 18.05
N PHE A 216 -24.04 -2.56 17.15
CA PHE A 216 -23.24 -3.80 17.07
C PHE A 216 -21.75 -3.59 17.25
N ASP A 217 -21.17 -4.21 18.29
CA ASP A 217 -19.73 -4.12 18.57
C ASP A 217 -18.89 -4.93 17.63
N ASN A 218 -19.53 -5.82 16.89
CA ASN A 218 -18.84 -6.73 15.97
C ASN A 218 -18.99 -6.35 14.48
N VAL A 219 -19.33 -5.09 14.20
CA VAL A 219 -19.48 -4.67 12.81
C VAL A 219 -18.34 -3.74 12.34
N LEU A 220 -17.81 -4.07 11.15
CA LEU A 220 -16.84 -3.27 10.44
C LEU A 220 -17.53 -2.80 9.17
N TYR A 221 -17.66 -1.48 8.96
CA TYR A 221 -18.22 -0.90 7.72
C TYR A 221 -17.05 -0.44 6.86
N LEU A 222 -17.02 -0.89 5.60
CA LEU A 222 -15.98 -0.51 4.64
C LEU A 222 -16.49 0.41 3.54
N GLY A 223 -15.78 1.53 3.38
CA GLY A 223 -16.03 2.48 2.33
C GLY A 223 -14.74 2.71 1.55
N THR A 224 -14.90 3.34 0.38
CA THR A 224 -13.75 3.58 -0.47
C THR A 224 -13.86 4.92 -1.15
N PHE A 225 -12.72 5.42 -1.61
CA PHE A 225 -12.69 6.61 -2.50
C PHE A 225 -12.54 6.21 -3.96
N SER A 226 -12.48 4.91 -4.23
CA SER A 226 -12.18 4.43 -5.59
C SER A 226 -13.27 4.52 -6.62
N1 LLP A 227 -15.22 -4.06 -2.38
C2 LLP A 227 -15.76 -4.38 -3.63
C2' LLP A 227 -16.76 -5.48 -3.75
C3 LLP A 227 -15.34 -3.70 -4.80
O3 LLP A 227 -15.79 -3.97 -5.92
C4 LLP A 227 -14.42 -2.67 -4.69
C4' LLP A 227 -13.99 -1.94 -5.98
C5 LLP A 227 -13.90 -2.36 -3.41
C6 LLP A 227 -14.29 -3.06 -2.26
C5' LLP A 227 -12.89 -1.25 -3.27
OP4 LLP A 227 -11.59 -1.40 -3.86
P LLP A 227 -10.56 -0.35 -3.29
OP1 LLP A 227 -10.14 0.31 -4.52
OP2 LLP A 227 -11.19 0.55 -2.30
OP3 LLP A 227 -9.62 -1.30 -2.61
N LLP A 227 -14.53 4.55 -6.19
CA LLP A 227 -15.68 4.40 -7.11
CB LLP A 227 -16.62 3.28 -6.60
CG LLP A 227 -15.93 1.90 -6.22
CD LLP A 227 -15.01 1.38 -7.28
CE LLP A 227 -14.66 -0.11 -7.23
NZ LLP A 227 -14.20 -0.60 -5.93
C LLP A 227 -16.37 5.77 -7.35
O LLP A 227 -15.95 6.52 -8.23
N LEU A 228 -17.33 6.12 -6.53
CA LEU A 228 -18.03 7.39 -6.63
C LEU A 228 -17.08 8.57 -6.52
N TYR A 229 -16.16 8.50 -5.56
CA TYR A 229 -15.25 9.59 -5.35
C TYR A 229 -14.14 9.70 -6.40
N GLY A 230 -14.09 8.82 -7.37
CA GLY A 230 -13.15 8.94 -8.49
C GLY A 230 -11.68 9.07 -8.15
N LEU A 231 -11.22 8.25 -7.20
CA LEU A 231 -9.83 8.24 -6.81
C LEU A 231 -9.27 6.81 -6.79
N GLY A 232 -9.79 5.95 -7.64
CA GLY A 232 -9.36 4.55 -7.71
C GLY A 232 -7.89 4.35 -7.92
N GLY A 233 -7.27 5.24 -8.66
CA GLY A 233 -5.84 5.09 -8.88
C GLY A 233 -4.95 5.38 -7.70
N LEU A 234 -5.46 6.09 -6.69
CA LEU A 234 -4.65 6.56 -5.56
C LEU A 234 -4.52 5.58 -4.40
N ARG A 235 -5.46 4.65 -4.33
CA ARG A 235 -5.51 3.58 -3.37
C ARG A 235 -5.75 4.10 -1.97
N ILE A 236 -7.01 4.49 -1.74
CA ILE A 236 -7.36 4.94 -0.42
C ILE A 236 -8.79 4.59 -0.12
N GLY A 237 -8.98 4.00 1.06
CA GLY A 237 -10.29 3.67 1.54
C GLY A 237 -10.26 3.61 3.05
N TYR A 238 -11.35 3.14 3.64
CA TYR A 238 -11.41 3.20 5.11
C TYR A 238 -12.37 2.20 5.70
N GLY A 239 -12.19 1.97 7.00
CA GLY A 239 -13.05 1.12 7.78
C GLY A 239 -13.54 1.88 8.99
N ILE A 240 -14.80 1.62 9.35
CA ILE A 240 -15.39 2.22 10.52
C ILE A 240 -15.87 1.08 11.44
N ALA A 241 -15.51 1.13 12.71
CA ALA A 241 -15.88 0.07 13.62
C ALA A 241 -15.65 0.48 15.06
N ASN A 242 -16.14 -0.34 15.96
CA ASN A 242 -15.87 -0.19 17.39
C ASN A 242 -14.39 0.01 17.57
N ALA A 243 -14.03 0.86 18.53
CA ALA A 243 -12.61 1.18 18.80
C ALA A 243 -11.69 -0.02 19.01
N ASN A 244 -12.23 -1.06 19.65
CA ASN A 244 -11.46 -2.29 19.94
C ASN A 244 -11.00 -2.99 18.64
N ILE A 245 -11.84 -2.92 17.59
CA ILE A 245 -11.53 -3.56 16.32
C ILE A 245 -10.51 -2.70 15.56
N ILE A 246 -10.73 -1.38 15.59
CA ILE A 246 -9.79 -0.48 14.95
C ILE A 246 -8.40 -0.56 15.62
N SER A 247 -8.39 -0.65 16.94
CA SER A 247 -7.15 -0.74 17.70
C SER A 247 -6.36 -2.05 17.33
N ALA A 248 -7.08 -3.13 17.09
CA ALA A 248 -6.47 -4.38 16.67
C ALA A 248 -5.88 -4.22 15.26
N PHE A 249 -6.63 -3.61 14.35
CA PHE A 249 -6.14 -3.41 12.98
C PHE A 249 -4.91 -2.52 12.99
N TYR A 250 -4.87 -1.52 13.86
CA TYR A 250 -3.69 -0.66 13.99
C TYR A 250 -2.43 -1.39 14.41
N LYS A 251 -2.54 -2.59 14.97
CA LYS A 251 -1.34 -3.39 15.28
C LYS A 251 -0.74 -4.04 14.03
N LEU A 252 -1.57 -4.23 13.02
CA LEU A 252 -1.20 -4.87 11.74
C LEU A 252 -0.78 -3.86 10.67
N ARG A 253 -1.42 -2.69 10.67
CA ARG A 253 -1.13 -1.65 9.69
C ARG A 253 0.33 -1.12 9.74
N ALA A 254 0.95 -1.08 8.56
CA ALA A 254 2.29 -0.54 8.41
C ALA A 254 2.17 0.98 8.49
N PRO A 255 3.15 1.65 9.11
CA PRO A 255 3.05 3.10 9.08
C PRO A 255 3.22 3.63 7.66
N PHE A 256 2.71 4.81 7.39
CA PHE A 256 2.80 5.41 6.05
C PHE A 256 2.20 4.51 5.00
N ASN A 257 1.10 3.85 5.33
CA ASN A 257 0.46 2.89 4.38
C ASN A 257 -0.30 3.52 3.20
N VAL A 258 -0.61 4.81 3.34
N VAL A 258 -0.68 4.80 3.32
CA VAL A 258 -1.34 5.62 2.37
CA VAL A 258 -1.30 5.54 2.21
C VAL A 258 -0.47 6.82 1.95
C VAL A 258 -0.48 6.80 1.93
N SER A 259 -0.52 7.26 0.69
CA SER A 259 0.29 8.42 0.26
C SER A 259 -0.20 9.76 0.78
N ASN A 260 0.67 10.76 0.86
CA ASN A 260 0.22 12.09 1.31
C ASN A 260 -0.77 12.67 0.30
N LEU A 261 -0.53 12.44 -1.00
CA LEU A 261 -1.47 12.92 -2.05
C LEU A 261 -2.85 12.28 -1.95
N ALA A 262 -2.93 11.00 -1.66
CA ALA A 262 -4.23 10.32 -1.48
C ALA A 262 -5.01 10.90 -0.28
N LEU A 263 -4.30 11.12 0.83
CA LEU A 263 -4.94 11.74 2.02
C LEU A 263 -5.57 13.10 1.71
N LYS A 264 -4.82 13.95 1.00
N LYS A 264 -4.82 13.91 0.98
CA LYS A 264 -5.29 15.28 0.62
CA LYS A 264 -5.25 15.26 0.59
C LYS A 264 -6.44 15.21 -0.38
C LYS A 264 -6.39 15.24 -0.42
N ALA A 265 -6.24 14.42 -1.46
CA ALA A 265 -7.24 14.27 -2.51
C ALA A 265 -8.57 13.68 -2.00
N ALA A 266 -8.52 12.80 -1.02
CA ALA A 266 -9.75 12.20 -0.46
C ALA A 266 -10.61 13.26 0.22
N VAL A 267 -9.95 14.15 0.94
CA VAL A 267 -10.60 15.23 1.60
C VAL A 267 -11.25 16.15 0.56
N ALA A 268 -10.50 16.50 -0.48
CA ALA A 268 -11.06 17.36 -1.56
C ALA A 268 -12.24 16.68 -2.27
N ALA A 269 -12.12 15.37 -2.50
CA ALA A 269 -13.18 14.62 -3.19
C ALA A 269 -14.52 14.66 -2.44
N MSE A 270 -14.44 14.52 -1.12
N MSE A 270 -14.48 14.50 -1.11
CA MSE A 270 -15.61 14.61 -0.26
CA MSE A 270 -15.70 14.57 -0.30
C MSE A 270 -16.32 15.95 -0.24
C MSE A 270 -16.33 15.96 -0.20
O MSE A 270 -17.48 16.02 0.11
O MSE A 270 -17.46 16.10 0.27
CB MSE A 270 -15.22 14.26 1.18
CB MSE A 270 -15.52 13.96 1.12
CG MSE A 270 -15.03 12.82 1.32
CG MSE A 270 -15.83 12.46 1.23
SE MSE A 270 -14.63 12.24 3.09
SE MSE A 270 -15.79 11.80 3.10
CE MSE A 270 -15.66 10.47 2.74
CE MSE A 270 -13.86 12.36 3.51
N ASP A 271 -15.62 17.01 -0.63
CA ASP A 271 -16.16 18.35 -0.62
C ASP A 271 -16.68 18.74 -2.02
N ASP A 272 -16.61 17.83 -3.01
CA ASP A 272 -17.06 18.13 -4.38
C ASP A 272 -18.44 17.46 -4.59
N ASP A 273 -19.45 18.03 -3.93
CA ASP A 273 -20.81 17.52 -3.97
C ASP A 273 -21.42 17.59 -5.37
N GLU A 274 -21.08 18.63 -6.14
CA GLU A 274 -21.68 18.77 -7.48
C GLU A 274 -21.22 17.60 -8.38
N PHE A 275 -19.97 17.21 -8.23
CA PHE A 275 -19.40 16.10 -9.04
C PHE A 275 -20.03 14.76 -8.66
N THR A 276 -20.17 14.51 -7.37
CA THR A 276 -20.72 13.25 -6.94
C THR A 276 -22.20 13.18 -7.27
N GLU A 277 -22.92 14.28 -7.15
CA GLU A 277 -24.33 14.26 -7.55
C GLU A 277 -24.50 13.98 -9.06
N LYS A 278 -23.65 14.64 -9.86
CA LYS A 278 -23.60 14.44 -11.32
C LYS A 278 -23.37 12.98 -11.64
N THR A 279 -22.44 12.36 -10.92
CA THR A 279 -22.09 10.93 -11.09
C THR A 279 -23.27 10.01 -10.80
N LEU A 280 -23.95 10.21 -9.66
CA LEU A 280 -25.09 9.39 -9.26
C LEU A 280 -26.28 9.51 -10.19
N GLU A 281 -26.60 10.74 -10.57
CA GLU A 281 -27.70 11.02 -11.48
C GLU A 281 -27.44 10.41 -12.88
N ASN A 282 -26.21 10.57 -13.40
CA ASN A 282 -25.84 9.92 -14.66
C ASN A 282 -25.88 8.39 -14.53
N ASN A 283 -25.36 7.85 -13.43
CA ASN A 283 -25.38 6.40 -13.24
C ASN A 283 -26.74 5.73 -13.45
N PHE A 284 -27.75 6.30 -12.82
CA PHE A 284 -29.08 5.68 -12.86
C PHE A 284 -29.94 6.02 -14.06
N SER A 285 -29.79 7.22 -14.62
CA SER A 285 -30.50 7.54 -15.82
C SER A 285 -29.88 6.70 -16.99
N GLN A 286 -28.56 6.61 -17.03
CA GLN A 286 -27.92 5.73 -18.04
C GLN A 286 -28.18 4.26 -17.80
N MSE A 287 -28.31 3.84 -16.55
CA MSE A 287 -28.64 2.45 -16.31
C MSE A 287 -29.97 2.11 -16.94
O MSE A 287 -30.17 0.99 -17.39
CB MSE A 287 -28.65 2.16 -14.85
CG MSE A 287 -28.98 0.69 -14.57
SE MSE A 287 -29.02 0.31 -12.70
CE MSE A 287 -26.98 0.53 -12.23
N GLU A 288 -30.90 3.06 -17.00
CA GLU A 288 -32.16 2.79 -17.65
C GLU A 288 -31.97 2.33 -19.07
N LEU A 289 -31.03 2.96 -19.77
CA LEU A 289 -30.73 2.63 -21.17
C LEU A 289 -30.26 1.22 -21.30
N TYR A 290 -29.44 0.79 -20.34
CA TYR A 290 -28.93 -0.58 -20.26
C TYR A 290 -30.03 -1.60 -20.02
N LYS A 291 -31.00 -1.23 -19.17
CA LYS A 291 -32.13 -2.12 -18.87
C LYS A 291 -33.01 -2.26 -20.12
N GLU A 292 -33.29 -1.14 -20.77
CA GLU A 292 -34.07 -1.14 -22.00
C GLU A 292 -33.42 -2.00 -23.11
N PHE A 293 -32.11 -1.83 -23.29
CA PHE A 293 -31.32 -2.57 -24.28
C PHE A 293 -31.41 -4.08 -24.04
N ALA A 294 -31.26 -4.51 -22.78
CA ALA A 294 -31.33 -5.92 -22.42
C ALA A 294 -32.70 -6.49 -22.70
N LYS A 295 -33.72 -5.73 -22.30
CA LYS A 295 -35.13 -6.08 -22.51
C LYS A 295 -35.37 -6.30 -24.00
N LYS A 296 -34.95 -5.33 -24.82
CA LYS A 296 -35.09 -5.41 -26.29
C LYS A 296 -34.35 -6.59 -26.91
N HIS A 297 -33.26 -7.02 -26.29
CA HIS A 297 -32.48 -8.16 -26.82
C HIS A 297 -32.67 -9.49 -26.10
N ASN A 298 -33.68 -9.57 -25.23
CA ASN A 298 -34.00 -10.77 -24.48
C ASN A 298 -32.80 -11.22 -23.62
N ILE A 299 -32.10 -10.26 -23.01
CA ILE A 299 -30.96 -10.53 -22.15
C ILE A 299 -31.42 -10.41 -20.70
N LYS A 300 -31.13 -11.43 -19.93
CA LYS A 300 -31.40 -11.47 -18.51
C LYS A 300 -30.40 -10.57 -17.78
N ILE A 301 -30.91 -9.83 -16.81
CA ILE A 301 -30.08 -9.00 -15.93
C ILE A 301 -30.50 -9.25 -14.49
N ILE A 302 -29.79 -8.62 -13.59
CA ILE A 302 -30.17 -8.51 -12.18
C ILE A 302 -30.33 -7.00 -12.02
N ASP A 303 -31.46 -6.54 -11.50
CA ASP A 303 -31.69 -5.10 -11.28
C ASP A 303 -30.60 -4.59 -10.31
N SER A 304 -29.92 -3.53 -10.69
CA SER A 304 -28.72 -3.12 -9.98
C SER A 304 -28.71 -1.84 -9.15
N TYR A 305 -28.01 -1.93 -8.01
CA TYR A 305 -27.88 -0.83 -7.07
C TYR A 305 -26.42 -0.31 -7.01
N THR A 306 -25.63 -0.67 -8.02
CA THR A 306 -24.24 -0.31 -8.10
C THR A 306 -23.99 0.65 -9.28
N ASN A 307 -22.70 0.81 -9.65
CA ASN A 307 -22.34 1.59 -10.83
C ASN A 307 -22.04 0.70 -12.04
N PHE A 308 -22.74 -0.42 -12.13
CA PHE A 308 -22.61 -1.35 -13.23
C PHE A 308 -23.89 -2.13 -13.36
N ILE A 309 -23.98 -2.82 -14.51
CA ILE A 309 -25.05 -3.74 -14.77
C ILE A 309 -24.44 -5.05 -15.30
N THR A 310 -25.08 -6.17 -14.96
CA THR A 310 -24.63 -7.49 -15.35
C THR A 310 -25.67 -8.14 -16.26
N TYR A 311 -25.18 -8.58 -17.41
CA TYR A 311 -25.92 -9.23 -18.49
C TYR A 311 -25.59 -10.72 -18.46
N PHE A 312 -26.59 -11.58 -18.37
CA PHE A 312 -26.41 -13.03 -18.31
C PHE A 312 -26.83 -13.65 -19.63
N PHE A 313 -26.08 -14.67 -20.10
CA PHE A 313 -26.32 -15.36 -21.36
C PHE A 313 -26.60 -16.85 -21.18
N ASP A 314 -27.22 -17.45 -22.18
CA ASP A 314 -27.55 -18.88 -22.17
C ASP A 314 -26.84 -19.53 -23.36
N GLU A 315 -27.41 -19.40 -24.56
CA GLU A 315 -26.86 -19.98 -25.76
C GLU A 315 -25.56 -19.28 -26.23
N LYS A 316 -25.45 -17.96 -26.02
CA LYS A 316 -24.23 -17.26 -26.40
C LYS A 316 -23.22 -17.40 -25.28
N ASN A 317 -21.95 -17.16 -25.59
CA ASN A 317 -20.83 -17.34 -24.69
C ASN A 317 -20.20 -15.99 -24.31
N SER A 318 -20.15 -15.69 -23.00
CA SER A 318 -19.64 -14.40 -22.53
C SER A 318 -18.19 -14.15 -22.94
N THR A 319 -17.38 -15.21 -23.08
CA THR A 319 -15.98 -15.05 -23.50
C THR A 319 -15.90 -14.62 -24.95
N ASP A 320 -16.69 -15.28 -25.79
CA ASP A 320 -16.75 -14.96 -27.18
C ASP A 320 -17.27 -13.53 -27.38
N LEU A 321 -18.33 -13.15 -26.66
CA LEU A 321 -18.91 -11.82 -26.77
C LEU A 321 -17.90 -10.75 -26.30
N SER A 322 -17.15 -11.03 -25.22
CA SER A 322 -16.16 -10.09 -24.71
C SER A 322 -15.02 -9.88 -25.72
N GLU A 323 -14.56 -10.95 -26.36
CA GLU A 323 -13.52 -10.86 -27.39
C GLU A 323 -14.00 -10.06 -28.60
N LYS A 324 -15.24 -10.30 -29.02
CA LYS A 324 -15.82 -9.53 -30.12
C LYS A 324 -15.93 -8.05 -29.75
N LEU A 325 -16.30 -7.74 -28.50
CA LEU A 325 -16.41 -6.34 -28.05
C LEU A 325 -15.03 -5.72 -28.05
N LEU A 326 -14.07 -6.46 -27.49
CA LEU A 326 -12.67 -6.02 -27.42
C LEU A 326 -12.09 -5.71 -28.80
N LYS A 327 -12.49 -6.49 -29.80
CA LYS A 327 -12.00 -6.25 -31.15
C LYS A 327 -12.65 -4.97 -31.78
N LYS A 328 -13.69 -4.42 -31.17
CA LYS A 328 -14.27 -3.13 -31.58
C LYS A 328 -13.88 -2.00 -30.63
N GLY A 329 -12.96 -2.28 -29.69
CA GLY A 329 -12.45 -1.30 -28.74
C GLY A 329 -13.22 -1.12 -27.47
N ILE A 330 -14.17 -2.01 -27.23
CA ILE A 330 -15.03 -1.90 -26.05
C ILE A 330 -14.60 -2.91 -25.02
N ILE A 331 -14.11 -2.43 -23.88
CA ILE A 331 -13.59 -3.27 -22.80
C ILE A 331 -14.57 -3.42 -21.64
N ILE A 332 -15.18 -4.58 -21.55
CA ILE A 332 -16.07 -4.90 -20.43
C ILE A 332 -15.45 -5.99 -19.56
N ARG A 333 -16.11 -6.33 -18.45
CA ARG A 333 -15.59 -7.40 -17.57
C ARG A 333 -16.28 -8.72 -17.80
N ASN A 334 -15.54 -9.72 -18.24
CA ASN A 334 -16.07 -11.07 -18.40
C ASN A 334 -16.17 -11.69 -17.02
N LEU A 335 -17.32 -12.29 -16.69
CA LEU A 335 -17.51 -12.92 -15.36
C LEU A 335 -17.27 -14.46 -15.37
N LYS A 336 -16.65 -14.94 -16.43
CA LYS A 336 -16.26 -16.38 -16.54
C LYS A 336 -15.41 -16.81 -15.34
N SER A 337 -14.51 -15.97 -14.88
CA SER A 337 -13.70 -16.30 -13.72
C SER A 337 -14.55 -16.58 -12.44
N TYR A 338 -15.76 -16.02 -12.38
CA TYR A 338 -16.69 -16.24 -11.25
C TYR A 338 -17.59 -17.45 -11.42
N GLY A 339 -17.43 -18.14 -12.55
CA GLY A 339 -18.22 -19.30 -12.89
C GLY A 339 -19.52 -18.93 -13.56
N LEU A 340 -19.61 -17.68 -14.06
CA LEU A 340 -20.84 -17.18 -14.64
C LEU A 340 -20.70 -16.96 -16.13
N ASN A 341 -21.79 -17.18 -16.86
CA ASN A 341 -21.83 -16.91 -18.29
C ASN A 341 -22.47 -15.53 -18.38
N ALA A 342 -21.63 -14.54 -18.10
CA ALA A 342 -22.08 -13.17 -17.98
C ALA A 342 -20.98 -12.12 -18.19
N ILE A 343 -21.43 -10.89 -18.49
CA ILE A 343 -20.52 -9.75 -18.55
C ILE A 343 -21.00 -8.66 -17.59
N ARG A 344 -20.04 -7.98 -16.96
CA ARG A 344 -20.37 -6.85 -16.12
C ARG A 344 -19.94 -5.59 -16.84
N ILE A 345 -20.90 -4.68 -17.07
CA ILE A 345 -20.62 -3.40 -17.76
C ILE A 345 -20.74 -2.20 -16.79
N THR A 346 -19.64 -1.47 -16.61
CA THR A 346 -19.64 -0.27 -15.76
C THR A 346 -20.42 0.79 -16.55
N ILE A 347 -21.31 1.50 -15.86
CA ILE A 347 -22.15 2.53 -16.48
C ILE A 347 -21.22 3.72 -16.76
N GLY A 348 -20.97 4.01 -18.05
CA GLY A 348 -20.05 5.07 -18.47
C GLY A 348 -20.76 6.37 -18.75
N THR A 349 -20.11 7.23 -19.49
CA THR A 349 -20.70 8.51 -19.91
C THR A 349 -21.72 8.14 -20.98
N SER A 350 -22.63 9.04 -21.31
CA SER A 350 -23.62 8.75 -22.38
C SER A 350 -22.95 8.39 -23.72
N TYR A 351 -21.80 8.99 -23.99
CA TYR A 351 -21.04 8.68 -25.20
C TYR A 351 -20.56 7.24 -25.18
N GLU A 352 -19.94 6.87 -24.06
CA GLU A 352 -19.41 5.53 -23.93
C GLU A 352 -20.49 4.47 -24.01
N ASN A 353 -21.64 4.74 -23.39
CA ASN A 353 -22.72 3.78 -23.36
C ASN A 353 -23.33 3.60 -24.77
N GLU A 354 -23.45 4.70 -25.53
CA GLU A 354 -23.98 4.64 -26.87
C GLU A 354 -23.10 3.76 -27.78
N LYS A 355 -21.79 3.90 -27.66
CA LYS A 355 -20.87 3.05 -28.42
C LYS A 355 -21.00 1.59 -28.08
N PHE A 356 -21.17 1.28 -26.79
CA PHE A 356 -21.40 -0.09 -26.37
C PHE A 356 -22.66 -0.65 -27.01
N PHE A 357 -23.75 0.12 -26.97
CA PHE A 357 -25.00 -0.32 -27.54
C PHE A 357 -24.88 -0.48 -29.03
N THR A 358 -24.21 0.44 -29.71
CA THR A 358 -24.05 0.32 -31.15
C THR A 358 -23.29 -0.94 -31.53
N GLU A 359 -22.16 -1.19 -30.89
CA GLU A 359 -21.35 -2.35 -31.32
C GLU A 359 -21.93 -3.68 -30.91
N PHE A 360 -22.48 -3.72 -29.71
CA PHE A 360 -23.03 -4.96 -29.15
C PHE A 360 -24.29 -5.41 -29.88
N ASP A 361 -25.12 -4.46 -30.27
CA ASP A 361 -26.29 -4.76 -31.08
C ASP A 361 -25.87 -5.49 -32.37
N LYS A 362 -24.78 -5.02 -32.98
CA LYS A 362 -24.20 -5.62 -34.16
C LYS A 362 -23.69 -7.03 -33.88
N ILE A 363 -22.98 -7.18 -32.79
CA ILE A 363 -22.41 -8.44 -32.36
C ILE A 363 -23.49 -9.49 -32.07
N LEU A 364 -24.61 -9.06 -31.50
CA LEU A 364 -25.68 -9.98 -31.13
C LEU A 364 -26.49 -10.48 -32.32
N ARG A 365 -26.43 -9.79 -33.45
CA ARG A 365 -27.14 -10.23 -34.65
C ARG A 365 -26.51 -11.48 -35.25
N MSE B 2 -15.19 -9.78 21.98
CA MSE B 2 -14.35 -10.14 20.74
C MSE B 2 -12.85 -10.35 20.97
O MSE B 2 -12.16 -9.49 21.47
CB MSE B 2 -14.50 -9.15 19.53
CG MSE B 2 -13.96 -9.76 18.21
SE MSE B 2 -14.08 -8.85 16.50
CE MSE B 2 -15.98 -8.74 16.56
N LYS B 3 -12.34 -11.48 20.48
CA LYS B 3 -10.94 -11.85 20.56
C LYS B 3 -10.41 -11.93 19.17
N PHE B 4 -9.08 -11.87 19.06
CA PHE B 4 -8.39 -11.87 17.80
C PHE B 4 -7.36 -13.00 17.75
N ASN B 5 -6.65 -13.12 16.63
CA ASN B 5 -5.61 -14.11 16.50
C ASN B 5 -4.56 -13.91 17.58
N GLU B 6 -4.06 -15.02 18.14
CA GLU B 6 -3.11 -14.93 19.25
C GLU B 6 -1.82 -14.19 18.90
N PHE B 7 -1.40 -14.17 17.64
CA PHE B 7 -0.18 -13.45 17.30
C PHE B 7 -0.24 -11.93 17.55
N LEU B 8 -1.43 -11.34 17.57
CA LEU B 8 -1.57 -9.91 17.86
C LEU B 8 -1.21 -9.56 19.34
N ASN B 9 -1.17 -10.57 20.22
CA ASN B 9 -0.74 -10.38 21.61
C ASN B 9 0.74 -10.07 21.72
N ASN B 10 1.52 -10.48 20.73
CA ASN B 10 2.93 -10.21 20.67
C ASN B 10 3.25 -8.81 20.06
N LEU B 11 2.22 -8.10 19.61
CA LEU B 11 2.43 -6.81 18.94
C LEU B 11 2.11 -5.67 19.91
N SER B 12 2.86 -4.59 19.76
CA SER B 12 2.68 -3.43 20.63
C SER B 12 1.47 -2.61 20.18
N ASN B 13 0.72 -2.10 21.16
CA ASN B 13 -0.41 -1.21 20.89
C ASN B 13 0.08 0.01 20.08
N TYR B 14 -0.74 0.47 19.13
CA TYR B 14 -0.38 1.65 18.30
C TYR B 14 -0.41 2.96 19.12
N GLU B 15 0.74 3.65 19.14
CA GLU B 15 0.88 4.90 19.89
C GLU B 15 1.35 6.02 18.95
N ASP B 19 1.86 15.21 15.63
CA ASP B 19 2.88 15.55 14.64
C ASP B 19 3.85 16.60 15.21
N ILE B 20 5.16 16.30 15.18
CA ILE B 20 6.19 17.22 15.66
C ILE B 20 6.09 18.61 14.99
N GLU B 21 5.69 18.64 13.71
CA GLU B 21 5.50 19.88 12.95
C GLU B 21 4.35 20.70 13.56
N VAL B 22 3.32 20.00 14.07
CA VAL B 22 2.16 20.63 14.73
C VAL B 22 2.53 21.16 16.14
N ILE B 23 3.42 20.44 16.83
CA ILE B 23 3.94 20.84 18.15
C ILE B 23 4.78 22.11 18.00
N ALA B 24 5.38 22.27 16.82
CA ALA B 24 6.15 23.46 16.44
C ALA B 24 5.22 24.66 16.23
N LYS B 25 4.06 24.40 15.63
CA LYS B 25 3.02 25.42 15.47
C LYS B 25 2.45 25.70 16.87
N GLU B 26 2.31 24.64 17.67
CA GLU B 26 1.82 24.73 19.06
C GLU B 26 2.82 25.49 19.95
N TYR B 27 4.12 25.13 19.86
CA TYR B 27 5.20 25.80 20.61
C TYR B 27 5.28 27.28 20.21
N GLY B 28 4.98 27.56 18.93
CA GLY B 28 4.91 28.93 18.39
C GLY B 28 5.95 29.34 17.36
N VAL B 29 6.47 28.37 16.61
CA VAL B 29 7.51 28.65 15.62
C VAL B 29 7.02 29.32 14.32
N LYS B 30 7.82 30.29 13.84
CA LYS B 30 7.55 30.94 12.56
C LYS B 30 7.88 29.88 11.49
N GLU B 31 9.17 29.66 11.26
CA GLU B 31 9.66 28.69 10.26
C GLU B 31 10.13 27.37 10.88
N VAL B 32 9.64 26.26 10.33
CA VAL B 32 10.05 24.94 10.81
C VAL B 32 11.04 24.34 9.80
N ILE B 33 12.19 23.89 10.30
CA ILE B 33 13.21 23.25 9.47
C ILE B 33 13.16 21.76 9.81
N LYS B 34 12.75 20.96 8.84
CA LYS B 34 12.58 19.51 8.99
C LYS B 34 13.78 18.70 8.51
N LEU B 35 14.57 18.16 9.43
CA LEU B 35 15.77 17.34 9.10
C LEU B 35 15.72 16.01 9.85
N ALA B 36 14.57 15.38 9.84
CA ALA B 36 14.33 14.19 10.63
C ALA B 36 13.93 12.94 9.89
N SER B 37 13.55 13.03 8.62
CA SER B 37 13.00 11.89 7.89
C SER B 37 13.72 11.45 6.66
N ASN B 38 14.94 11.91 6.49
CA ASN B 38 15.76 11.48 5.34
C ASN B 38 15.10 11.72 3.95
N GLU B 39 14.39 12.84 3.87
CA GLU B 39 13.73 13.28 2.65
C GLU B 39 14.72 14.15 1.85
N ASN B 40 14.47 14.23 0.55
CA ASN B 40 15.29 15.04 -0.35
C ASN B 40 15.04 16.49 -0.01
N PRO B 41 16.11 17.23 0.36
CA PRO B 41 15.92 18.62 0.78
C PRO B 41 15.54 19.60 -0.34
N PHE B 42 15.71 19.18 -1.59
CA PHE B 42 15.35 19.98 -2.73
C PHE B 42 13.92 19.69 -3.18
N GLY B 43 13.28 18.74 -2.53
CA GLY B 43 11.90 18.42 -2.86
C GLY B 43 11.69 17.28 -3.85
N THR B 44 10.61 17.41 -4.60
CA THR B 44 10.19 16.44 -5.58
C THR B 44 10.88 16.75 -6.90
N PRO B 45 11.44 15.74 -7.59
CA PRO B 45 12.08 15.98 -8.87
C PRO B 45 11.12 16.71 -9.80
N PRO B 46 11.59 17.83 -10.42
CA PRO B 46 10.68 18.58 -11.23
C PRO B 46 10.03 17.79 -12.38
N LYS B 47 10.68 16.83 -13.00
CA LYS B 47 9.98 16.07 -14.05
C LYS B 47 8.79 15.26 -13.45
N ALA B 48 8.93 14.87 -12.17
CA ALA B 48 7.89 14.17 -11.42
C ALA B 48 6.77 15.15 -11.04
N ILE B 49 7.15 16.36 -10.68
CA ILE B 49 6.14 17.36 -10.33
C ILE B 49 5.21 17.57 -11.53
N GLU B 50 5.79 17.74 -12.73
CA GLU B 50 5.01 17.99 -13.98
C GLU B 50 4.19 16.75 -14.37
N CYS B 51 4.80 15.58 -14.25
CA CYS B 51 4.11 14.34 -14.47
C CYS B 51 2.82 14.19 -13.61
N LEU B 52 2.97 14.50 -12.31
CA LEU B 52 1.85 14.44 -11.37
C LEU B 52 0.78 15.45 -11.74
N ARG B 53 1.17 16.65 -12.10
CA ARG B 53 0.20 17.65 -12.47
C ARG B 53 -0.56 17.28 -13.72
N GLN B 54 0.18 16.74 -14.68
CA GLN B 54 -0.41 16.27 -15.93
C GLN B 54 -1.30 15.06 -15.73
N ASN B 55 -1.05 14.24 -14.71
CA ASN B 55 -1.85 13.06 -14.46
C ASN B 55 -2.84 13.20 -13.31
N ALA B 56 -2.95 14.41 -12.78
CA ALA B 56 -3.90 14.75 -11.71
C ALA B 56 -5.31 14.34 -12.07
N ASN B 57 -5.64 14.51 -13.36
CA ASN B 57 -6.98 14.14 -13.88
C ASN B 57 -7.14 12.69 -14.32
N LYS B 58 -6.17 11.84 -13.96
CA LYS B 58 -6.22 10.41 -14.19
C LYS B 58 -6.28 9.67 -12.84
N ALA B 59 -6.53 10.37 -11.74
CA ALA B 59 -6.48 9.76 -10.38
C ALA B 59 -7.58 8.75 -10.14
N HIS B 60 -8.64 8.83 -10.94
CA HIS B 60 -9.80 7.91 -10.88
C HIS B 60 -9.58 6.52 -11.45
N LEU B 61 -8.50 6.36 -12.20
CA LEU B 61 -8.20 5.09 -12.87
C LEU B 61 -7.27 4.16 -12.14
N TYR B 62 -7.73 2.92 -11.95
CA TYR B 62 -6.88 1.92 -11.37
C TYR B 62 -5.59 1.81 -12.17
N PRO B 63 -4.49 1.52 -11.50
CA PRO B 63 -3.29 1.36 -12.29
C PRO B 63 -3.27 0.04 -13.02
N ASP B 64 -2.46 -0.01 -14.07
CA ASP B 64 -2.15 -1.23 -14.80
C ASP B 64 -1.42 -2.17 -13.86
N ASP B 65 -2.09 -3.23 -13.42
CA ASP B 65 -1.50 -4.10 -12.41
C ASP B 65 -0.23 -4.86 -12.86
N SER B 66 -0.02 -4.97 -14.16
CA SER B 66 1.22 -5.55 -14.68
C SER B 66 2.41 -4.63 -14.40
N MSE B 67 2.14 -3.33 -14.19
CA MSE B 67 3.16 -2.33 -13.89
C MSE B 67 4.34 -2.41 -14.87
O MSE B 67 5.49 -2.19 -14.51
CB MSE B 67 3.62 -2.50 -12.44
CG MSE B 67 2.42 -2.47 -11.50
SE MSE B 67 2.85 -2.48 -9.65
CE MSE B 67 0.94 -2.35 -8.82
N ILE B 68 4.02 -2.67 -16.13
CA ILE B 68 5.03 -2.93 -17.15
C ILE B 68 5.93 -1.73 -17.46
N GLU B 69 5.41 -0.51 -17.44
CA GLU B 69 6.25 0.66 -17.77
C GLU B 69 7.38 0.82 -16.75
N LEU B 70 7.04 0.80 -15.44
CA LEU B 70 8.06 0.96 -14.38
C LEU B 70 8.97 -0.24 -14.26
N LYS B 71 8.42 -1.44 -14.35
CA LYS B 71 9.26 -2.63 -14.34
C LYS B 71 10.30 -2.62 -15.47
N SER B 72 9.87 -2.25 -16.66
CA SER B 72 10.76 -2.19 -17.83
C SER B 72 11.81 -1.13 -17.65
N THR B 73 11.46 -0.02 -17.00
CA THR B 73 12.40 1.08 -16.79
C THR B 73 13.46 0.63 -15.82
N LEU B 74 13.04 -0.03 -14.74
CA LEU B 74 13.98 -0.61 -13.77
C LEU B 74 14.85 -1.73 -14.39
N ALA B 75 14.25 -2.61 -15.18
CA ALA B 75 14.95 -3.69 -15.85
C ALA B 75 16.02 -3.13 -16.75
N GLN B 76 15.71 -2.07 -17.47
CA GLN B 76 16.68 -1.42 -18.35
C GLN B 76 17.81 -0.74 -17.53
N LYS B 77 17.47 0.01 -16.50
CA LYS B 77 18.45 0.67 -15.68
C LYS B 77 19.43 -0.32 -15.06
N TYR B 78 18.92 -1.40 -14.50
CA TYR B 78 19.72 -2.35 -13.80
C TYR B 78 20.16 -3.55 -14.57
N LYS B 79 19.74 -3.63 -15.83
CA LYS B 79 20.15 -4.73 -16.70
C LYS B 79 19.75 -6.13 -16.15
N VAL B 80 18.50 -6.23 -15.69
CA VAL B 80 17.91 -7.49 -15.28
C VAL B 80 16.63 -7.68 -16.12
N GLN B 81 15.88 -8.74 -15.84
CA GLN B 81 14.61 -9.02 -16.54
C GLN B 81 13.41 -8.56 -15.70
N ASN B 82 12.26 -8.34 -16.35
CA ASN B 82 11.06 -7.94 -15.62
C ASN B 82 10.66 -8.94 -14.57
N GLU B 83 10.92 -10.22 -14.80
CA GLU B 83 10.59 -11.29 -13.85
C GLU B 83 11.42 -11.26 -12.57
N ASN B 84 12.42 -10.38 -12.56
CA ASN B 84 13.27 -10.21 -11.39
C ASN B 84 12.85 -9.04 -10.55
N ILE B 85 11.76 -8.39 -10.93
CA ILE B 85 11.31 -7.17 -10.25
C ILE B 85 9.92 -7.29 -9.64
N ILE B 86 9.79 -6.71 -8.45
CA ILE B 86 8.51 -6.50 -7.78
C ILE B 86 8.41 -5.05 -7.32
N ILE B 87 7.21 -4.46 -7.41
CA ILE B 87 7.00 -3.07 -6.98
C ILE B 87 6.19 -3.12 -5.69
N GLY B 88 6.66 -2.39 -4.68
CA GLY B 88 5.97 -2.33 -3.41
C GLY B 88 5.63 -0.90 -3.02
N ALA B 89 4.71 -0.81 -2.07
CA ALA B 89 4.21 0.44 -1.48
C ALA B 89 5.32 0.83 -0.49
N GLY B 90 6.39 1.38 -1.08
CA GLY B 90 7.67 1.64 -0.41
C GLY B 90 8.48 0.37 -0.45
N SER B 91 9.79 0.46 -0.21
CA SER B 91 10.60 -0.75 -0.05
C SER B 91 10.16 -1.47 1.24
N ASP B 92 9.61 -0.75 2.19
CA ASP B 92 9.04 -1.33 3.38
C ASP B 92 8.12 -2.50 3.08
N GLN B 93 7.22 -2.35 2.11
CA GLN B 93 6.32 -3.43 1.78
C GLN B 93 7.04 -4.68 1.25
N VAL B 94 8.14 -4.48 0.52
CA VAL B 94 8.92 -5.63 0.02
C VAL B 94 9.62 -6.36 1.24
N ILE B 95 9.97 -5.60 2.30
CA ILE B 95 10.51 -6.20 3.51
C ILE B 95 9.42 -7.08 4.11
N GLU B 96 8.19 -6.56 4.15
CA GLU B 96 7.08 -7.35 4.66
C GLU B 96 6.90 -8.65 3.88
N PHE B 97 6.96 -8.57 2.56
CA PHE B 97 6.78 -9.80 1.74
C PHE B 97 7.90 -10.80 2.08
N ALA B 98 9.12 -10.31 2.21
CA ALA B 98 10.27 -11.16 2.51
C ALA B 98 10.08 -11.88 3.84
N ILE B 99 9.69 -11.10 4.86
CA ILE B 99 9.52 -11.65 6.22
C ILE B 99 8.37 -12.66 6.25
N HIS B 100 7.24 -12.28 5.65
CA HIS B 100 6.12 -13.21 5.59
C HIS B 100 6.35 -14.46 4.75
N SER B 101 7.25 -14.42 3.75
CA SER B 101 7.55 -15.58 2.92
C SER B 101 8.50 -16.55 3.59
N LYS B 102 9.32 -16.06 4.52
CA LYS B 102 10.28 -16.94 5.11
C LYS B 102 10.27 -17.15 6.61
N LEU B 103 9.79 -16.17 7.39
CA LEU B 103 9.93 -16.28 8.84
C LEU B 103 8.68 -16.84 9.49
N ASN B 104 8.88 -17.47 10.63
CA ASN B 104 7.80 -18.04 11.38
C ASN B 104 8.27 -18.22 12.82
N SER B 105 7.36 -18.67 13.68
CA SER B 105 7.67 -18.79 15.12
C SER B 105 8.76 -19.80 15.46
N LYS B 106 9.12 -20.66 14.52
CA LYS B 106 10.15 -21.66 14.80
C LYS B 106 11.49 -21.37 14.14
N ASN B 107 11.64 -20.21 13.50
CA ASN B 107 12.96 -19.88 12.93
C ASN B 107 13.45 -18.47 13.33
N ALA B 108 14.55 -17.98 12.71
CA ALA B 108 15.17 -16.72 13.10
C ALA B 108 15.69 -15.87 11.96
N PHE B 109 16.01 -14.61 12.29
CA PHE B 109 16.67 -13.70 11.34
C PHE B 109 17.84 -13.11 12.05
N LEU B 110 18.75 -12.56 11.26
CA LEU B 110 19.97 -11.96 11.71
C LEU B 110 20.08 -10.53 11.20
N GLN B 111 20.60 -9.64 12.05
CA GLN B 111 20.84 -8.27 11.68
C GLN B 111 21.96 -7.68 12.55
N ALA B 112 22.44 -6.49 12.17
CA ALA B 112 23.43 -5.73 12.94
C ALA B 112 22.87 -5.32 14.29
N GLY B 113 23.74 -5.00 15.23
CA GLY B 113 23.29 -4.58 16.55
C GLY B 113 22.31 -3.42 16.56
N VAL B 114 22.54 -2.41 15.70
CA VAL B 114 21.60 -1.29 15.58
C VAL B 114 21.37 -0.98 14.11
N THR B 115 20.21 -1.35 13.60
CA THR B 115 19.85 -1.03 12.20
C THR B 115 18.35 -0.68 12.16
N PHE B 116 17.79 -0.54 10.96
CA PHE B 116 16.46 -0.04 10.79
C PHE B 116 15.43 -0.74 11.69
N ALA B 117 14.75 0.06 12.51
CA ALA B 117 13.76 -0.44 13.48
C ALA B 117 12.69 -1.31 12.88
N MSE B 118 12.32 -1.07 11.61
CA MSE B 118 11.17 -1.80 11.04
C MSE B 118 11.43 -3.28 10.83
O MSE B 118 10.49 -4.05 10.80
CB MSE B 118 10.62 -1.14 9.76
CG MSE B 118 10.03 0.26 9.97
SE MSE B 118 8.73 0.41 11.38
CE MSE B 118 7.35 -0.94 10.72
N TYR B 119 12.67 -3.68 10.65
CA TYR B 119 12.94 -5.11 10.42
C TYR B 119 12.37 -5.95 11.56
N GLU B 120 12.71 -5.56 12.78
CA GLU B 120 12.29 -6.25 13.98
C GLU B 120 10.80 -6.10 14.24
N ILE B 121 10.28 -4.92 13.96
CA ILE B 121 8.88 -4.61 14.15
C ILE B 121 8.01 -5.46 13.21
N TYR B 122 8.37 -5.53 11.94
CA TYR B 122 7.63 -6.36 10.97
C TYR B 122 7.73 -7.86 11.35
N ALA B 123 8.90 -8.31 11.79
CA ALA B 123 9.10 -9.71 12.16
C ALA B 123 8.31 -10.16 13.37
N LYS B 124 7.89 -9.23 14.23
CA LYS B 124 7.09 -9.56 15.41
C LYS B 124 5.83 -10.25 15.06
N GLN B 125 5.29 -9.99 13.87
CA GLN B 125 4.05 -10.66 13.48
C GLN B 125 4.19 -12.17 13.40
N CYS B 126 5.33 -12.60 12.84
N CYS B 126 5.28 -12.69 12.84
CA CYS B 126 5.71 -14.01 12.64
CA CYS B 126 5.38 -14.15 12.78
C CYS B 126 6.24 -14.70 13.88
C CYS B 126 6.01 -14.76 14.03
N GLY B 127 6.55 -13.92 14.93
CA GLY B 127 7.11 -14.44 16.17
C GLY B 127 8.48 -15.06 16.05
N ALA B 128 9.23 -14.69 15.01
CA ALA B 128 10.61 -15.19 14.76
C ALA B 128 11.64 -14.66 15.73
N LYS B 129 12.70 -15.42 15.95
N LYS B 129 12.71 -15.41 15.94
CA LYS B 129 13.81 -15.04 16.83
CA LYS B 129 13.82 -15.06 16.85
C LYS B 129 14.63 -14.00 16.11
C LYS B 129 14.80 -14.11 16.18
N CYS B 130 15.10 -12.98 16.84
CA CYS B 130 15.99 -11.99 16.25
C CYS B 130 17.39 -12.14 16.83
N TYR B 131 18.35 -12.44 15.98
CA TYR B 131 19.74 -12.49 16.37
C TYR B 131 20.41 -11.18 15.90
N LYS B 132 21.08 -10.49 16.82
CA LYS B 132 21.80 -9.24 16.55
C LYS B 132 23.24 -9.40 16.93
N THR B 133 24.12 -8.91 16.08
CA THR B 133 25.55 -8.93 16.37
C THR B 133 25.83 -8.01 17.54
N GLN B 134 26.93 -8.29 18.25
CA GLN B 134 27.38 -7.45 19.35
C GLN B 134 27.70 -6.06 18.83
N SER B 135 28.37 -6.00 17.70
CA SER B 135 28.70 -4.74 17.07
C SER B 135 27.43 -4.07 16.64
N ILE B 136 27.28 -2.79 17.00
CA ILE B 136 26.07 -2.05 16.55
C ILE B 136 26.19 -1.76 15.06
N THR B 137 27.40 -1.45 14.58
CA THR B 137 27.68 -1.27 13.16
C THR B 137 27.81 -2.66 12.51
N HIS B 138 27.53 -2.73 11.21
CA HIS B 138 27.73 -3.92 10.42
C HIS B 138 29.23 -4.28 10.38
N ASN B 139 29.53 -5.53 10.71
CA ASN B 139 30.88 -6.06 10.79
C ASN B 139 30.93 -7.44 10.13
N LEU B 140 31.72 -7.59 9.07
CA LEU B 140 31.82 -8.84 8.32
C LEU B 140 32.07 -10.03 9.20
N ASP B 141 33.09 -9.94 10.03
CA ASP B 141 33.47 -11.04 10.91
C ASP B 141 32.45 -11.46 11.94
N GLU B 142 31.77 -10.50 12.55
CA GLU B 142 30.73 -10.84 13.50
C GLU B 142 29.55 -11.52 12.76
N PHE B 143 29.20 -10.98 11.59
CA PHE B 143 28.14 -11.59 10.74
C PHE B 143 28.47 -13.05 10.41
N LYS B 144 29.67 -13.30 9.91
CA LYS B 144 30.10 -14.69 9.67
C LYS B 144 29.96 -15.64 10.87
N LYS B 145 30.46 -15.22 12.01
CA LYS B 145 30.49 -16.06 13.22
C LYS B 145 29.12 -16.29 13.83
N LEU B 146 28.31 -15.24 13.89
CA LEU B 146 26.97 -15.39 14.44
C LEU B 146 26.08 -16.20 13.49
N TYR B 147 26.19 -15.97 12.19
CA TYR B 147 25.43 -16.77 11.23
C TYR B 147 25.78 -18.27 11.29
N GLU B 148 27.08 -18.59 11.35
CA GLU B 148 27.57 -19.95 11.39
C GLU B 148 27.01 -20.68 12.63
N THR B 149 27.05 -20.01 13.79
CA THR B 149 26.54 -20.62 15.04
C THR B 149 25.06 -21.03 14.96
N HIS B 150 24.26 -20.20 14.30
CA HIS B 150 22.81 -20.39 14.19
C HIS B 150 22.33 -20.65 12.77
N LYS B 151 23.21 -21.23 12.00
CA LYS B 151 22.98 -21.55 10.60
C LYS B 151 21.68 -22.36 10.33
N ASP B 152 21.32 -23.29 11.23
CA ASP B 152 20.11 -24.12 11.01
C ASP B 152 18.81 -23.34 11.27
N GLU B 153 18.93 -22.24 12.01
CA GLU B 153 17.80 -21.48 12.44
C GLU B 153 17.58 -20.22 11.60
N ILE B 154 18.65 -19.58 11.15
CA ILE B 154 18.52 -18.32 10.41
C ILE B 154 18.05 -18.51 8.95
N LYS B 155 16.86 -18.00 8.64
CA LYS B 155 16.30 -18.10 7.29
C LYS B 155 16.15 -16.75 6.57
N LEU B 156 16.53 -15.66 7.23
CA LEU B 156 16.51 -14.34 6.63
C LEU B 156 17.61 -13.49 7.28
N ILE B 157 18.35 -12.75 6.46
CA ILE B 157 19.43 -11.89 6.95
C ILE B 157 19.24 -10.49 6.37
N PHE B 158 19.38 -9.48 7.21
CA PHE B 158 19.31 -8.09 6.72
C PHE B 158 20.67 -7.48 6.72
N LEU B 159 21.03 -6.90 5.57
CA LEU B 159 22.25 -6.13 5.39
C LEU B 159 21.81 -4.73 4.93
N CYS B 160 22.00 -3.72 5.78
CA CYS B 160 21.57 -2.35 5.45
C CYS B 160 22.83 -1.61 4.98
N LEU B 161 22.96 -1.47 3.66
CA LEU B 161 24.16 -0.96 3.03
C LEU B 161 23.94 0.25 2.13
N PRO B 162 24.13 1.47 2.68
CA PRO B 162 24.56 1.84 4.03
C PRO B 162 23.45 1.75 5.08
N ASN B 163 23.89 1.84 6.33
CA ASN B 163 23.03 1.60 7.47
C ASN B 163 22.24 2.80 8.02
N ASN B 164 20.94 2.60 8.20
CA ASN B 164 20.10 3.59 8.87
C ASN B 164 19.87 2.92 10.19
N PRO B 165 20.12 3.62 11.33
CA PRO B 165 20.47 5.04 11.56
C PRO B 165 21.89 5.45 11.85
N LEU B 166 22.87 4.59 11.61
CA LEU B 166 24.26 4.86 12.02
C LEU B 166 25.06 5.53 10.97
N GLY B 167 24.76 5.16 9.71
CA GLY B 167 25.38 5.75 8.53
C GLY B 167 26.54 5.02 7.88
N GLU B 168 27.05 3.97 8.54
CA GLU B 168 28.22 3.23 8.02
C GLU B 168 27.82 2.35 6.85
N CYS B 169 28.84 1.81 6.19
CA CYS B 169 28.58 0.95 5.04
C CYS B 169 29.72 -0.01 4.76
N LEU B 170 29.43 -1.31 4.73
CA LEU B 170 30.47 -2.26 4.34
C LEU B 170 30.72 -2.08 2.87
N ASP B 171 31.91 -2.48 2.43
CA ASP B 171 32.21 -2.51 1.03
C ASP B 171 31.37 -3.58 0.39
N ALA B 172 31.04 -3.40 -0.87
CA ALA B 172 30.31 -4.41 -1.63
C ALA B 172 31.03 -5.74 -1.59
N SER B 173 32.35 -5.72 -1.72
CA SER B 173 33.16 -6.93 -1.71
C SER B 173 33.02 -7.75 -0.42
N GLU B 174 32.87 -7.06 0.72
CA GLU B 174 32.66 -7.71 2.01
C GLU B 174 31.30 -8.37 2.06
N ALA B 175 30.29 -7.67 1.54
CA ALA B 175 28.96 -8.19 1.52
C ALA B 175 28.94 -9.49 0.72
N THR B 176 29.53 -9.43 -0.47
CA THR B 176 29.67 -10.57 -1.35
C THR B 176 30.41 -11.68 -0.65
N GLU B 177 31.49 -11.35 0.04
CA GLU B 177 32.27 -12.36 0.77
C GLU B 177 31.37 -13.08 1.81
N PHE B 178 30.54 -12.32 2.51
CA PHE B 178 29.68 -12.91 3.50
C PHE B 178 28.64 -13.82 2.85
N ILE B 179 28.00 -13.30 1.82
CA ILE B 179 26.87 -14.01 1.22
C ILE B 179 27.29 -15.35 0.67
N LYS B 180 28.53 -15.48 0.21
CA LYS B 180 29.04 -16.76 -0.31
C LYS B 180 28.91 -17.92 0.69
N GLY B 181 29.07 -17.64 1.99
CA GLY B 181 28.94 -18.66 3.02
C GLY B 181 27.51 -18.89 3.56
N VAL B 182 26.51 -18.26 2.95
CA VAL B 182 25.12 -18.37 3.43
C VAL B 182 24.37 -19.50 2.72
N ASN B 183 23.62 -20.27 3.47
CA ASN B 183 22.89 -21.42 2.92
C ASN B 183 21.83 -21.01 1.88
N GLU B 184 21.63 -21.88 0.90
CA GLU B 184 20.66 -21.61 -0.19
C GLU B 184 19.21 -21.45 0.27
N ASP B 185 18.89 -21.92 1.49
CA ASP B 185 17.54 -21.77 2.05
C ASP B 185 17.43 -20.57 2.99
N CYS B 186 18.43 -19.70 2.99
CA CYS B 186 18.39 -18.48 3.74
C CYS B 186 18.40 -17.31 2.77
N LEU B 187 17.39 -16.45 2.90
CA LEU B 187 17.22 -15.27 2.07
C LEU B 187 18.02 -14.10 2.63
N VAL B 188 18.90 -13.54 1.80
CA VAL B 188 19.70 -12.37 2.18
C VAL B 188 19.03 -11.10 1.61
N VAL B 189 18.55 -10.26 2.51
CA VAL B 189 17.93 -9.00 2.11
C VAL B 189 18.91 -7.87 2.19
N ILE B 190 19.27 -7.34 1.04
CA ILE B 190 20.17 -6.22 1.01
C ILE B 190 19.35 -4.94 0.90
N ASP B 191 19.29 -4.21 1.99
CA ASP B 191 18.54 -2.95 2.00
C ASP B 191 19.46 -1.85 1.44
N ALA B 192 19.24 -1.52 0.18
CA ALA B 192 20.02 -0.51 -0.52
C ALA B 192 19.26 0.83 -0.69
N ALA B 193 18.42 1.16 0.29
CA ALA B 193 17.62 2.36 0.28
C ALA B 193 18.46 3.61 0.08
N TYR B 194 19.68 3.62 0.62
CA TYR B 194 20.58 4.78 0.58
C TYR B 194 21.85 4.50 -0.23
N ASN B 195 21.89 3.41 -1.01
CA ASN B 195 23.13 3.06 -1.68
C ASN B 195 23.59 4.03 -2.77
N GLU B 196 22.66 4.83 -3.34
CA GLU B 196 23.04 5.80 -4.37
C GLU B 196 23.98 6.83 -3.76
N PHE B 197 23.69 7.18 -2.50
CA PHE B 197 24.53 8.10 -1.77
C PHE B 197 25.87 7.49 -1.46
N ALA B 198 25.86 6.26 -0.98
CA ALA B 198 27.11 5.60 -0.58
C ALA B 198 28.01 5.45 -1.79
N SER B 199 27.42 5.08 -2.92
CA SER B 199 28.17 4.89 -4.17
C SER B 199 28.88 6.15 -4.63
N PHE B 200 28.24 7.29 -4.39
CA PHE B 200 28.72 8.58 -4.83
C PHE B 200 29.90 8.97 -4.01
N LYS B 201 29.85 8.70 -2.71
CA LYS B 201 30.98 8.96 -1.84
C LYS B 201 32.16 8.01 -2.13
N ASP B 202 31.89 6.75 -2.43
CA ASP B 202 32.94 5.74 -2.58
C ASP B 202 32.40 4.56 -3.43
N SER B 203 32.95 4.39 -4.63
CA SER B 203 32.51 3.37 -5.54
C SER B 203 32.69 1.97 -4.96
N LYS B 204 33.58 1.80 -3.97
CA LYS B 204 33.72 0.50 -3.30
C LYS B 204 32.44 0.11 -2.52
N LYS B 205 31.53 1.05 -2.30
CA LYS B 205 30.30 0.78 -1.57
C LYS B 205 29.12 0.45 -2.49
N HIS B 206 29.30 0.67 -3.78
CA HIS B 206 28.28 0.41 -4.78
C HIS B 206 27.89 -1.05 -4.98
N LEU B 207 26.58 -1.30 -4.97
CA LEU B 207 26.01 -2.63 -5.15
C LEU B 207 25.41 -2.69 -6.54
N GLU B 208 25.63 -3.77 -7.27
CA GLU B 208 25.11 -3.89 -8.63
C GLU B 208 24.15 -5.09 -8.68
N PRO B 209 22.85 -4.81 -8.64
CA PRO B 209 21.85 -5.88 -8.67
C PRO B 209 22.02 -6.99 -9.69
N CYS B 210 22.40 -6.67 -10.93
CA CYS B 210 22.46 -7.73 -11.95
C CYS B 210 23.56 -8.74 -11.63
N GLU B 211 24.61 -8.24 -11.00
CA GLU B 211 25.71 -9.07 -10.57
C GLU B 211 25.32 -9.86 -9.30
N LEU B 212 24.59 -9.22 -8.40
CA LEU B 212 24.16 -9.89 -7.19
C LEU B 212 23.21 -11.07 -7.48
N ILE B 213 22.19 -10.88 -8.33
CA ILE B 213 21.26 -11.96 -8.61
C ILE B 213 21.82 -13.01 -9.59
N LYS B 214 22.83 -12.63 -10.37
CA LYS B 214 23.50 -13.58 -11.24
C LYS B 214 24.32 -14.53 -10.39
N GLU B 215 25.07 -13.98 -9.44
N GLU B 215 25.08 -13.97 -9.44
CA GLU B 215 25.94 -14.79 -8.60
CA GLU B 215 25.95 -14.75 -8.58
C GLU B 215 25.21 -15.52 -7.47
C GLU B 215 25.22 -15.50 -7.45
N PHE B 216 24.14 -14.93 -6.93
CA PHE B 216 23.40 -15.51 -5.80
C PHE B 216 21.88 -15.66 -6.04
N ASP B 217 21.36 -16.87 -5.89
CA ASP B 217 19.95 -17.08 -6.10
C ASP B 217 19.13 -16.89 -4.83
N ASN B 218 19.79 -16.52 -3.72
CA ASN B 218 19.13 -16.22 -2.43
C ASN B 218 19.27 -14.77 -2.02
N VAL B 219 19.46 -13.86 -2.96
CA VAL B 219 19.64 -12.44 -2.60
C VAL B 219 18.47 -11.61 -3.07
N LEU B 220 18.01 -10.71 -2.21
CA LEU B 220 16.99 -9.74 -2.57
C LEU B 220 17.60 -8.37 -2.43
N TYR B 221 17.65 -7.60 -3.54
CA TYR B 221 18.11 -6.19 -3.46
C TYR B 221 16.87 -5.29 -3.29
N LEU B 222 16.90 -4.41 -2.29
CA LEU B 222 15.81 -3.44 -2.08
C LEU B 222 16.25 -2.02 -2.39
N GLY B 223 15.47 -1.34 -3.24
CA GLY B 223 15.68 0.05 -3.55
C GLY B 223 14.40 0.83 -3.35
N THR B 224 14.51 2.15 -3.28
CA THR B 224 13.32 2.95 -3.02
C THR B 224 13.35 4.25 -3.84
N PHE B 225 12.16 4.86 -4.00
CA PHE B 225 12.07 6.19 -4.63
C PHE B 225 11.85 7.25 -3.55
N SER B 226 11.95 6.85 -2.31
CA SER B 226 11.64 7.78 -1.21
C SER B 226 12.71 8.77 -0.79
N1 LLP B 227 15.20 0.96 4.58
C2 LLP B 227 15.67 1.93 5.45
C2' LLP B 227 16.75 1.53 6.39
C3 LLP B 227 15.14 3.22 5.45
O3 LLP B 227 15.54 4.09 6.23
C4 LLP B 227 14.13 3.54 4.52
C4' LLP B 227 13.53 4.95 4.47
C5 LLP B 227 13.69 2.54 3.64
C6 LLP B 227 14.21 1.24 3.67
C5' LLP B 227 12.63 2.85 2.65
OP4 LLP B 227 11.38 3.48 3.01
P LLP B 227 10.26 3.37 1.90
OP1 LLP B 227 9.72 4.74 1.99
OP2 LLP B 227 10.95 2.93 0.69
OP3 LLP B 227 9.42 2.28 2.49
N LLP B 227 13.97 8.44 -1.09
CA LLP B 227 15.07 9.22 -0.54
CB LLP B 227 16.11 8.29 0.14
CG LLP B 227 15.54 7.26 1.22
CD LLP B 227 14.70 7.91 2.28
CE LLP B 227 14.33 7.02 3.53
NZ LLP B 227 13.88 5.61 3.31
C LLP B 227 15.64 10.10 -1.64
O LLP B 227 15.16 11.20 -1.83
N LEU B 228 16.65 9.60 -2.38
CA LEU B 228 17.27 10.36 -3.45
C LEU B 228 16.26 10.83 -4.50
N TYR B 229 15.33 9.93 -4.83
CA TYR B 229 14.36 10.21 -5.89
C TYR B 229 13.21 11.08 -5.44
N GLY B 230 13.22 11.51 -4.18
CA GLY B 230 12.23 12.48 -3.72
C GLY B 230 10.76 12.24 -3.90
N LEU B 231 10.37 11.00 -3.68
CA LEU B 231 8.98 10.60 -3.80
C LEU B 231 8.46 9.88 -2.56
N GLY B 232 9.06 10.19 -1.41
CA GLY B 232 8.69 9.54 -0.15
C GLY B 232 7.20 9.60 0.18
N GLY B 233 6.52 10.68 -0.21
CA GLY B 233 5.11 10.81 0.08
C GLY B 233 4.21 9.84 -0.68
N LEU B 234 4.68 9.34 -1.82
CA LEU B 234 3.87 8.50 -2.71
C LEU B 234 3.84 7.02 -2.42
N ARG B 235 4.86 6.52 -1.69
CA ARG B 235 4.98 5.14 -1.30
C ARG B 235 5.28 4.17 -2.48
N ILE B 236 6.51 4.21 -2.98
CA ILE B 236 6.88 3.32 -4.07
C ILE B 236 8.34 2.95 -3.97
N GLY B 237 8.59 1.64 -3.94
CA GLY B 237 9.91 1.11 -3.86
C GLY B 237 9.89 -0.20 -4.60
N TYR B 238 11.02 -0.92 -4.58
CA TYR B 238 11.13 -2.14 -5.36
C TYR B 238 12.15 -3.13 -4.83
N GLY B 239 11.97 -4.36 -5.28
CA GLY B 239 12.81 -5.45 -4.97
C GLY B 239 13.28 -6.10 -6.26
N ILE B 240 14.56 -6.47 -6.27
CA ILE B 240 15.17 -7.20 -7.37
C ILE B 240 15.72 -8.50 -6.81
N ALA B 241 15.41 -9.63 -7.46
CA ALA B 241 15.85 -10.94 -7.02
C ALA B 241 15.64 -11.98 -8.09
N ASN B 242 16.13 -13.17 -7.80
CA ASN B 242 15.90 -14.30 -8.65
C ASN B 242 14.41 -14.47 -8.83
N ALA B 243 14.03 -14.90 -10.02
CA ALA B 243 12.64 -15.11 -10.42
C ALA B 243 11.79 -15.93 -9.44
N ASN B 244 12.36 -16.94 -8.82
CA ASN B 244 11.61 -17.77 -7.85
C ASN B 244 11.22 -16.99 -6.57
N ILE B 245 12.06 -16.05 -6.17
CA ILE B 245 11.78 -15.23 -4.98
C ILE B 245 10.68 -14.24 -5.35
N ILE B 246 10.82 -13.58 -6.49
CA ILE B 246 9.78 -12.67 -6.93
C ILE B 246 8.42 -13.37 -7.14
N SER B 247 8.44 -14.58 -7.68
CA SER B 247 7.18 -15.34 -7.82
C SER B 247 6.49 -15.60 -6.47
N ALA B 248 7.29 -15.92 -5.46
CA ALA B 248 6.76 -16.17 -4.14
C ALA B 248 6.11 -14.91 -3.64
N PHE B 249 6.80 -13.77 -3.80
CA PHE B 249 6.26 -12.50 -3.33
C PHE B 249 4.99 -12.15 -4.05
N TYR B 250 4.94 -12.44 -5.34
CA TYR B 250 3.70 -12.18 -6.07
C TYR B 250 2.50 -12.95 -5.56
N LYS B 251 2.71 -14.03 -4.83
CA LYS B 251 1.60 -14.74 -4.19
C LYS B 251 1.04 -13.97 -2.99
N LEU B 252 1.86 -13.11 -2.39
CA LEU B 252 1.50 -12.34 -1.20
C LEU B 252 0.99 -10.93 -1.48
N ARG B 253 1.48 -10.31 -2.54
CA ARG B 253 1.14 -8.95 -2.92
C ARG B 253 -0.30 -8.78 -3.37
N ALA B 254 -0.96 -7.76 -2.83
CA ALA B 254 -2.33 -7.45 -3.22
C ALA B 254 -2.28 -6.78 -4.61
N PRO B 255 -3.27 -7.05 -5.47
CA PRO B 255 -3.28 -6.32 -6.71
C PRO B 255 -3.51 -4.84 -6.45
N PHE B 256 -3.01 -3.99 -7.35
CA PHE B 256 -3.15 -2.52 -7.24
C PHE B 256 -2.55 -2.03 -5.93
N ASN B 257 -1.39 -2.55 -5.56
CA ASN B 257 -0.74 -2.19 -4.28
C ASN B 257 0.00 -0.84 -4.29
N VAL B 258 0.17 -0.29 -5.50
N VAL B 258 0.25 -0.29 -5.49
CA VAL B 258 0.84 0.97 -5.72
CA VAL B 258 0.82 1.06 -5.62
C VAL B 258 -0.07 1.85 -6.55
C VAL B 258 -0.07 1.85 -6.52
N SER B 259 -0.10 3.15 -6.31
CA SER B 259 -0.97 4.07 -7.06
C SER B 259 -0.52 4.28 -8.50
N ASN B 260 -1.46 4.63 -9.38
CA ASN B 260 -1.06 4.95 -10.77
C ASN B 260 -0.13 6.18 -10.84
N LEU B 261 -0.42 7.19 -10.04
CA LEU B 261 0.44 8.38 -10.01
C LEU B 261 1.85 8.08 -9.57
N ALA B 262 2.03 7.18 -8.58
CA ALA B 262 3.35 6.77 -8.11
C ALA B 262 4.16 6.09 -9.19
N LEU B 263 3.51 5.17 -9.90
CA LEU B 263 4.13 4.47 -11.02
C LEU B 263 4.70 5.41 -12.08
N LYS B 264 3.90 6.42 -12.41
CA LYS B 264 4.23 7.42 -13.42
C LYS B 264 5.34 8.30 -12.87
N ALA B 265 5.14 8.84 -11.68
CA ALA B 265 6.14 9.73 -11.07
C ALA B 265 7.50 9.06 -10.84
N ALA B 266 7.54 7.76 -10.55
CA ALA B 266 8.84 7.09 -10.33
C ALA B 266 9.62 7.03 -11.65
N VAL B 267 8.90 6.77 -12.75
CA VAL B 267 9.52 6.72 -14.07
C VAL B 267 10.07 8.11 -14.40
N ALA B 268 9.31 9.17 -14.14
CA ALA B 268 9.78 10.55 -14.39
C ALA B 268 10.99 10.91 -13.50
N ALA B 269 10.96 10.47 -12.25
CA ALA B 269 12.04 10.75 -11.28
C ALA B 269 13.39 10.20 -11.74
N MSE B 270 13.38 8.99 -12.31
N MSE B 270 13.41 8.99 -12.30
CA MSE B 270 14.57 8.35 -12.87
CA MSE B 270 14.64 8.38 -12.83
C MSE B 270 15.20 9.07 -14.07
C MSE B 270 15.19 9.02 -14.11
O MSE B 270 16.36 8.83 -14.38
O MSE B 270 16.29 8.69 -14.55
CB MSE B 270 14.20 6.95 -13.31
CB MSE B 270 14.46 6.90 -13.04
CG MSE B 270 13.99 6.01 -12.18
CG MSE B 270 14.51 6.14 -11.73
SE MSE B 270 13.15 4.43 -12.81
SE MSE B 270 14.47 4.26 -12.09
CE MSE B 270 13.80 3.24 -11.45
CE MSE B 270 12.46 4.13 -12.60
N ASP B 271 14.42 9.91 -14.73
CA ASP B 271 14.91 10.59 -15.93
C ASP B 271 15.32 12.06 -15.61
N ASP B 272 15.37 12.40 -14.33
CA ASP B 272 15.80 13.75 -13.89
C ASP B 272 17.22 13.63 -13.32
N ASP B 273 18.19 13.39 -14.19
CA ASP B 273 19.56 13.15 -13.72
C ASP B 273 20.18 14.42 -13.17
N GLU B 274 19.77 15.59 -13.65
CA GLU B 274 20.38 16.84 -13.13
C GLU B 274 19.97 17.05 -11.65
N PHE B 275 18.72 16.70 -11.35
CA PHE B 275 18.17 16.84 -10.01
C PHE B 275 18.85 15.87 -9.05
N THR B 276 18.99 14.62 -9.46
CA THR B 276 19.66 13.65 -8.59
C THR B 276 21.14 13.96 -8.41
N GLU B 277 21.82 14.43 -9.44
CA GLU B 277 23.20 14.79 -9.25
C GLU B 277 23.32 15.90 -8.26
N LYS B 278 22.44 16.89 -8.40
CA LYS B 278 22.42 18.08 -7.55
C LYS B 278 22.25 17.64 -6.10
N THR B 279 21.34 16.72 -5.89
CA THR B 279 21.10 16.18 -4.55
C THR B 279 22.35 15.51 -3.92
N LEU B 280 22.99 14.62 -4.70
CA LEU B 280 24.16 13.87 -4.24
C LEU B 280 25.32 14.78 -3.91
N GLU B 281 25.58 15.75 -4.80
CA GLU B 281 26.65 16.72 -4.66
C GLU B 281 26.41 17.61 -3.42
N ASN B 282 25.18 18.09 -3.24
CA ASN B 282 24.84 18.88 -2.09
C ASN B 282 25.04 18.07 -0.82
N ASN B 283 24.54 16.85 -0.84
CA ASN B 283 24.61 15.98 0.31
C ASN B 283 26.00 15.85 0.93
N PHE B 284 27.00 15.59 0.09
CA PHE B 284 28.34 15.37 0.61
C PHE B 284 29.14 16.60 0.85
N SER B 285 28.96 17.65 0.05
CA SER B 285 29.62 18.92 0.35
C SER B 285 29.08 19.47 1.69
N GLN B 286 27.76 19.40 1.90
CA GLN B 286 27.16 19.84 3.15
C GLN B 286 27.52 18.92 4.30
N MSE B 287 27.65 17.63 4.02
CA MSE B 287 28.08 16.72 5.08
C MSE B 287 29.38 17.15 5.67
O MSE B 287 29.59 17.03 6.88
CB MSE B 287 28.25 15.29 4.58
CG MSE B 287 28.65 14.38 5.75
SE MSE B 287 28.62 12.54 5.31
CE MSE B 287 26.75 12.11 4.82
N GLU B 288 30.30 17.67 4.84
CA GLU B 288 31.58 18.14 5.37
C GLU B 288 31.41 19.21 6.44
N LEU B 289 30.46 20.12 6.26
CA LEU B 289 30.18 21.16 7.27
C LEU B 289 29.72 20.50 8.59
N TYR B 290 28.91 19.46 8.51
CA TYR B 290 28.49 18.71 9.71
C TYR B 290 29.67 18.03 10.42
N LYS B 291 30.61 17.51 9.63
CA LYS B 291 31.80 16.88 10.19
C LYS B 291 32.64 17.92 10.90
N GLU B 292 32.83 19.07 10.26
CA GLU B 292 33.63 20.15 10.84
C GLU B 292 32.96 20.66 12.13
N PHE B 293 31.63 20.86 12.12
CA PHE B 293 30.91 21.32 13.31
C PHE B 293 31.12 20.37 14.49
N ALA B 294 30.95 19.08 14.23
CA ALA B 294 31.11 18.05 15.27
C ALA B 294 32.51 18.10 15.88
N LYS B 295 33.49 18.13 15.00
CA LYS B 295 34.87 18.20 15.37
C LYS B 295 35.14 19.43 16.24
N LYS B 296 34.62 20.57 15.80
CA LYS B 296 34.75 21.82 16.54
C LYS B 296 34.06 21.77 17.90
N HIS B 297 32.96 20.99 18.02
CA HIS B 297 32.22 20.87 19.29
C HIS B 297 32.49 19.60 20.11
N ASN B 298 33.54 18.85 19.76
CA ASN B 298 33.92 17.66 20.48
C ASN B 298 32.79 16.63 20.49
N ILE B 299 32.09 16.50 19.37
CA ILE B 299 30.97 15.56 19.23
C ILE B 299 31.43 14.37 18.40
N LYS B 300 31.23 13.17 18.94
CA LYS B 300 31.54 11.92 18.24
C LYS B 300 30.48 11.67 17.15
N ILE B 301 30.96 11.24 15.97
CA ILE B 301 30.14 10.91 14.83
C ILE B 301 30.59 9.56 14.29
N ILE B 302 29.84 9.03 13.35
CA ILE B 302 30.22 7.86 12.57
C ILE B 302 30.28 8.45 11.16
N ASP B 303 31.38 8.25 10.45
CA ASP B 303 31.50 8.78 9.09
C ASP B 303 30.42 8.14 8.25
N SER B 304 29.68 8.96 7.51
CA SER B 304 28.44 8.51 6.87
C SER B 304 28.45 8.39 5.34
N TYR B 305 27.72 7.37 4.89
CA TYR B 305 27.58 7.08 3.45
C TYR B 305 26.11 7.24 3.00
N THR B 306 25.33 7.89 3.84
CA THR B 306 23.92 8.08 3.64
C THR B 306 23.63 9.56 3.42
N ASN B 307 22.36 9.94 3.54
CA ASN B 307 21.94 11.32 3.43
C ASN B 307 21.65 11.99 4.78
N PHE B 308 22.35 11.50 5.80
CA PHE B 308 22.22 12.02 7.13
C PHE B 308 23.53 11.78 7.86
N ILE B 309 23.67 12.41 9.02
CA ILE B 309 24.84 12.22 9.87
C ILE B 309 24.32 12.05 11.29
N THR B 310 24.96 11.21 12.05
CA THR B 310 24.56 10.89 13.41
C THR B 310 25.59 11.42 14.40
N TYR B 311 25.13 12.24 15.33
CA TYR B 311 25.94 12.83 16.40
C TYR B 311 25.68 12.06 17.69
N PHE B 312 26.75 11.65 18.38
CA PHE B 312 26.67 10.91 19.64
C PHE B 312 27.08 11.78 20.83
N PHE B 313 26.38 11.62 21.97
CA PHE B 313 26.68 12.40 23.19
C PHE B 313 26.96 11.51 24.38
N ASP B 314 27.64 12.11 25.36
CA ASP B 314 28.05 11.48 26.61
C ASP B 314 27.35 12.14 27.78
N GLU B 315 27.89 13.31 28.19
CA GLU B 315 27.36 14.06 29.32
C GLU B 315 26.02 14.71 28.98
N LYS B 316 25.84 15.13 27.74
CA LYS B 316 24.58 15.76 27.34
C LYS B 316 23.62 14.63 26.96
N ASN B 317 22.34 14.96 26.94
CA ASN B 317 21.25 14.01 26.69
C ASN B 317 20.49 14.35 25.40
N SER B 318 20.44 13.38 24.49
CA SER B 318 19.83 13.57 23.17
C SER B 318 18.38 14.01 23.21
N THR B 319 17.65 13.59 24.24
CA THR B 319 16.24 13.95 24.39
C THR B 319 16.15 15.43 24.74
N ASP B 320 16.93 15.88 25.71
CA ASP B 320 16.93 17.30 26.05
C ASP B 320 17.39 18.18 24.89
N LEU B 321 18.42 17.75 24.17
CA LEU B 321 18.92 18.49 23.02
C LEU B 321 17.86 18.61 21.90
N SER B 322 17.16 17.51 21.64
CA SER B 322 16.10 17.44 20.65
C SER B 322 14.95 18.38 20.96
N GLU B 323 14.56 18.44 22.23
CA GLU B 323 13.50 19.33 22.68
C GLU B 323 13.94 20.80 22.50
N LYS B 324 15.17 21.10 22.94
CA LYS B 324 15.71 22.44 22.78
C LYS B 324 15.71 22.87 21.32
N LEU B 325 16.09 21.96 20.41
CA LEU B 325 16.08 22.25 18.99
C LEU B 325 14.66 22.46 18.50
N LEU B 326 13.76 21.60 18.95
CA LEU B 326 12.36 21.70 18.57
C LEU B 326 11.81 23.05 18.94
N LYS B 327 12.16 23.53 20.14
CA LYS B 327 11.68 24.84 20.59
C LYS B 327 12.17 25.96 19.69
N LYS B 328 13.23 25.73 18.91
CA LYS B 328 13.74 26.72 17.95
C LYS B 328 13.26 26.44 16.52
N GLY B 329 12.36 25.49 16.36
CA GLY B 329 11.82 25.14 15.07
C GLY B 329 12.63 24.16 14.25
N ILE B 330 13.62 23.54 14.87
CA ILE B 330 14.47 22.62 14.15
C ILE B 330 14.15 21.21 14.60
N ILE B 331 13.65 20.42 13.66
CA ILE B 331 13.23 19.04 13.86
C ILE B 331 14.27 18.03 13.33
N ILE B 332 14.93 17.33 14.23
CA ILE B 332 15.91 16.27 13.92
C ILE B 332 15.38 14.94 14.50
N ARG B 333 16.07 13.83 14.28
CA ARG B 333 15.60 12.55 14.80
C ARG B 333 16.37 12.11 16.03
N ASN B 334 15.68 11.95 17.16
CA ASN B 334 16.27 11.46 18.38
C ASN B 334 16.37 9.96 18.21
N LEU B 335 17.52 9.40 18.56
CA LEU B 335 17.76 7.96 18.47
C LEU B 335 17.66 7.23 19.81
N LYS B 336 17.08 7.89 20.79
CA LYS B 336 16.78 7.26 22.08
C LYS B 336 15.98 5.97 21.91
N SER B 337 15.02 5.95 20.97
CA SER B 337 14.19 4.77 20.71
C SER B 337 15.01 3.53 20.28
N TYR B 338 16.20 3.76 19.74
CA TYR B 338 17.13 2.69 19.36
C TYR B 338 18.07 2.33 20.52
N GLY B 339 17.91 2.98 21.67
CA GLY B 339 18.78 2.78 22.81
C GLY B 339 20.09 3.57 22.76
N LEU B 340 20.13 4.63 21.94
CA LEU B 340 21.33 5.39 21.76
C LEU B 340 21.15 6.80 22.27
N ASN B 341 22.22 7.37 22.81
CA ASN B 341 22.23 8.76 23.23
C ASN B 341 22.79 9.53 22.04
N ALA B 342 21.93 9.70 21.04
CA ALA B 342 22.32 10.27 19.76
C ALA B 342 21.16 10.93 18.99
N ILE B 343 21.52 11.81 18.04
CA ILE B 343 20.54 12.42 17.14
C ILE B 343 21.02 12.16 15.74
N ARG B 344 20.08 11.93 14.82
CA ARG B 344 20.35 11.73 13.44
C ARG B 344 19.80 12.95 12.68
N ILE B 345 20.69 13.67 11.99
CA ILE B 345 20.34 14.84 11.22
C ILE B 345 20.41 14.61 9.71
N THR B 346 19.27 14.76 9.05
CA THR B 346 19.24 14.62 7.60
C THR B 346 20.00 15.84 7.05
N ILE B 347 20.78 15.64 6.00
CA ILE B 347 21.54 16.75 5.41
C ILE B 347 20.51 17.51 4.54
N GLY B 348 20.29 18.76 4.91
CA GLY B 348 19.33 19.62 4.23
C GLY B 348 20.03 20.51 3.22
N THR B 349 19.33 21.59 2.85
CA THR B 349 19.89 22.60 1.95
C THR B 349 20.92 23.41 2.74
N SER B 350 21.74 24.23 2.07
CA SER B 350 22.71 25.03 2.79
C SER B 350 22.07 26.01 3.79
N TYR B 351 20.88 26.51 3.46
CA TYR B 351 20.13 27.40 4.34
C TYR B 351 19.63 26.64 5.59
N GLU B 352 19.11 25.44 5.39
CA GLU B 352 18.64 24.63 6.50
C GLU B 352 19.77 24.23 7.44
N ASN B 353 20.89 23.82 6.87
CA ASN B 353 22.01 23.39 7.68
C ASN B 353 22.65 24.54 8.46
N GLU B 354 22.67 25.73 7.88
CA GLU B 354 23.16 26.90 8.57
C GLU B 354 22.29 27.23 9.81
N LYS B 355 20.96 27.09 9.68
CA LYS B 355 20.05 27.36 10.80
C LYS B 355 20.31 26.37 11.92
N PHE B 356 20.51 25.12 11.55
CA PHE B 356 20.85 24.11 12.54
C PHE B 356 22.12 24.49 13.29
N PHE B 357 23.19 24.79 12.55
CA PHE B 357 24.48 25.05 13.19
C PHE B 357 24.38 26.28 14.09
N THR B 358 23.66 27.29 13.63
CA THR B 358 23.52 28.51 14.42
C THR B 358 22.76 28.22 15.71
N GLU B 359 21.65 27.50 15.66
CA GLU B 359 20.90 27.24 16.90
C GLU B 359 21.54 26.23 17.82
N PHE B 360 22.06 25.14 17.25
CA PHE B 360 22.66 24.08 18.03
C PHE B 360 23.93 24.56 18.72
N ASP B 361 24.66 25.46 18.07
CA ASP B 361 25.86 26.05 18.65
C ASP B 361 25.46 26.77 19.96
N LYS B 362 24.36 27.53 19.90
CA LYS B 362 23.86 28.24 21.07
C LYS B 362 23.38 27.23 22.14
N ILE B 363 22.67 26.18 21.71
CA ILE B 363 22.15 25.14 22.61
C ILE B 363 23.28 24.41 23.36
N LEU B 364 24.42 24.19 22.70
CA LEU B 364 25.55 23.47 23.30
C LEU B 364 26.34 24.28 24.33
N ARG B 365 26.19 25.60 24.32
CA ARG B 365 26.91 26.45 25.30
C ARG B 365 26.45 26.18 26.75
C1 IPA C . -9.15 -16.88 16.57
C2 IPA C . -10.21 -15.78 16.77
C3 IPA C . -11.27 -16.35 17.74
O2 IPA C . -10.79 -15.31 15.53
C1 IPA D . 12.47 -22.81 5.25
C2 IPA D . 11.27 -21.84 5.45
C3 IPA D . 10.56 -22.20 6.76
O2 IPA D . 11.70 -20.48 5.48
C1 GOL E . 0.44 4.27 -2.90
O1 GOL E . 1.63 3.65 -3.47
C2 GOL E . -0.20 3.50 -1.71
O2 GOL E . -0.38 2.17 -2.14
C3 GOL E . -1.58 3.93 -1.15
O3 GOL E . -1.97 5.30 -1.22
#